data_7Z52
#
_entry.id   7Z52
#
_cell.length_a   1.00
_cell.length_b   1.00
_cell.length_c   1.00
_cell.angle_alpha   90.00
_cell.angle_beta   90.00
_cell.angle_gamma   90.00
#
_symmetry.space_group_name_H-M   'P 1'
#
loop_
_entity.id
_entity.type
_entity.pdbx_description
1 polymer 'Exosome RNA helicase MTR4'
2 polymer "RNA (5'-R(P*UP*UP*UP*UP*U)-3')"
3 polymer 'Zinc finger CCHC domain-containing protein 8'
4 non-polymer 'PHOSPHOAMINOPHOSPHONIC ACID-ADENYLATE ESTER'
#
loop_
_entity_poly.entity_id
_entity_poly.type
_entity_poly.pdbx_seq_one_letter_code
_entity_poly.pdbx_strand_id
1 'polypeptide(L)'
;GPDSMADAFGDELFSVFEGDSTTAAGTKKDKEKDKGKWKGPPGSADKAGKRFDGKLQSESTNNGKNKRDVDFEGTDEPIF
GKKPRIEESITEDLSLADLMPRVKVQSVETVEGCTHEVALPAEEDYLPLKPRVGKAAKEYPFILDAFQREAIQCVDNNQS
VLVSAHTSAGKTVCAEYAIALALREKQRVIFTSPIKALSNQKYREMYEEFQDVGLMTGDVTINPTASCLVMTTEILRSML
YRGSEVMREVAWVIFDEIHYMRDSERGVVWEETIILLPDNVHYVFLSATIPNARQFAEWICHLHKQPCHVIYTDYRPTPL
QHYIFPAGGDGLHLVVDENGDFREDNFNTAMQVLRDAGDLAKGDQKGRKGGTKGPSNVFKIVKMIMERNFQPVIIFSFSK
KDCEAYALQMTKLDFNTDEEKKMVEEVFSNAIDCLSDEDKKLPQVEHVLPLLKRGIGIHHGGLLPILKETIEILFSEGLI
KALFATETFAMGINMPARTVLFTNARKFDGKDFRWISSGEYIQMSGRAGRRGMDDRGIVILMVDEKMSPTIGKQLLKGSA
DPLNSAFHLTYNMVLNLLRVEEINPEYMLEKSFYQFQHYRAIPGVVEKVKNSEEQYNKIVIPNEESVVIYYKIRQQLAKL
GKEIEEYIHKPKYCLPFLQPGRLVKVKNEGDDFGWGVVVNFSKKSNVKPNSGELDPLYVVEVLLRCSKESLKNSATEAAK
PAKPDEKGEMQVVPVLVHLLSAISSVRLYIPKDLRPVDNRQSVLKSIQEVQKRFPDGIPLLDPIDDMGIQDQGLKKVIQK
VEAFEHRMYSHPLHNDPNLETVYTLCEKKAQIAIDIKSAKRELKKARTVLQMDELKCRKRVLRRLGFATSSDVIEMKGRV
ACEISSADELLLTEMMFNGLFNDLSAEQATALLSCFVFQENSSEMPKLTEQLAGPLRQMQECAKRIAKVSAEAKLEIDEE
TYLSSFKPHLMDVVYTWATGATFAHICKMTDVFEGSIIRCMRRLEELLRQMCQAAKAIGNTELENKFAEGITKIKRDIVF
AASLYL
;
B
2 'polyribonucleotide' UUUUU R
3 'polypeptide(L)'
;RSMAAEVYFGDLELFEPFDHPGESIPKPVHTRFKDDDGDEEDENGVGDAELRERLRQCEETIEQLRAENQELKRKLNILT
RPSGILVNDTKLDGPILQILFMNNAISKQYHQEIEEFVSNLVKRFEEQQKNDVEKTSFNLLPQPSSIVLEEDHKVEESCA
IKNNKEAFSVVGSVLYFTNFCLDKLGQPLLNENPQLSEGWEIPKYHQVFSHIVSLEGQEIQVKAKRPKPHCFNCGSEEHQ
MKDCPMPRNAARISEKRKEYMDACGEANNQNFQQRYHAEEVEERFGRFKPGVISEELQDALGVTDKSLPPFIYRMRQLGY
PPGWLKEAELENSGLALYDGKDGTDGETEVGEIQQNKSVTYDLSKLVNYPGFNISTPRGIPDEWRIFGSIPMQACQQKDV
FANYLTSNFQAPGVKSGNKRSSSHSSPGSPKKQKNESNSAGSPADMELDSDMEVPHGSQSSESFQFQPPLPPDTPPLPRG
TPPPVFTPPLPKGTPPLTPSDSPQTRTGSGAVDEDALTLEELEEQQRRIWAALEQAESVNSDSDVPVDTPLTGNSVASSP
CPNELDLPVPEGKTSEKQTLDEPEVPEIFTKKSEAGHASSPDSEVTSLCQKEKAELAPVNTEGALLDNGSVVPNCDISNG
GSQKLFPADTSPSTATKIHSPIPDMSKFATGITPFEFENMAESTGMYLRIRSLLKNSPRNQQKNKKASE
;
A
#
loop_
_chem_comp.id
_chem_comp.type
_chem_comp.name
_chem_comp.formula
ANP non-polymer 'PHOSPHOAMINOPHOSPHONIC ACID-ADENYLATE ESTER' 'C10 H17 N6 O12 P3'
U RNA linking URIDINE-5'-MONOPHOSPHATE 'C9 H13 N2 O9 P'
#
# COMPACT_ATOMS: atom_id res chain seq x y z
N MET A 100 -4.90 31.36 -7.64
CA MET A 100 -6.21 30.87 -7.24
C MET A 100 -6.85 30.04 -8.36
N PRO A 101 -7.45 28.92 -8.00
CA PRO A 101 -8.10 28.05 -8.99
C PRO A 101 -9.55 28.44 -9.28
N ARG A 102 -9.91 28.34 -10.55
CA ARG A 102 -11.22 28.74 -11.04
C ARG A 102 -11.98 27.47 -11.46
N VAL A 103 -12.73 26.90 -10.52
CA VAL A 103 -13.54 25.72 -10.75
C VAL A 103 -14.91 25.93 -10.14
N LYS A 104 -15.85 25.06 -10.50
CA LYS A 104 -17.19 25.11 -9.97
C LYS A 104 -17.82 23.73 -9.99
N VAL A 105 -18.81 23.53 -9.12
CA VAL A 105 -19.49 22.26 -8.96
C VAL A 105 -20.97 22.47 -9.30
N GLN A 106 -21.56 21.48 -9.98
CA GLN A 106 -22.92 21.64 -10.48
C GLN A 106 -23.97 20.85 -9.71
N SER A 107 -23.59 19.75 -9.06
CA SER A 107 -24.51 18.99 -8.20
C SER A 107 -25.75 18.52 -8.95
N VAL A 108 -25.53 17.68 -9.97
CA VAL A 108 -26.64 17.16 -10.76
C VAL A 108 -27.47 16.19 -9.92
N GLU A 109 -28.77 16.20 -10.15
CA GLU A 109 -29.73 15.45 -9.34
C GLU A 109 -29.57 13.94 -9.53
N THR A 110 -29.76 13.20 -8.44
CA THR A 110 -29.74 11.75 -8.44
C THR A 110 -31.03 11.24 -7.80
N VAL A 111 -31.59 10.17 -8.35
CA VAL A 111 -32.92 9.69 -7.95
C VAL A 111 -32.77 8.77 -6.75
N GLU A 112 -32.81 9.36 -5.56
CA GLU A 112 -32.91 8.65 -4.28
C GLU A 112 -31.81 7.62 -4.06
N GLY A 113 -30.67 7.80 -4.72
CA GLY A 113 -29.57 6.87 -4.57
C GLY A 113 -28.35 7.49 -3.92
N CYS A 114 -27.31 7.68 -4.73
CA CYS A 114 -26.08 8.32 -4.30
C CYS A 114 -26.18 9.82 -4.53
N THR A 115 -25.06 10.53 -4.38
CA THR A 115 -24.98 11.95 -4.65
C THR A 115 -24.02 12.18 -5.80
N HIS A 116 -24.49 12.86 -6.83
CA HIS A 116 -23.70 13.10 -8.04
C HIS A 116 -23.34 14.58 -8.14
N GLU A 117 -22.06 14.85 -8.31
CA GLU A 117 -21.55 16.20 -8.51
C GLU A 117 -20.44 16.15 -9.54
N VAL A 118 -20.27 17.24 -10.28
CA VAL A 118 -19.25 17.34 -11.32
C VAL A 118 -18.52 18.65 -11.17
N ALA A 119 -17.19 18.60 -11.26
CA ALA A 119 -16.35 19.78 -11.15
C ALA A 119 -16.01 20.24 -12.57
N LEU A 120 -16.55 21.39 -12.95
CA LEU A 120 -16.36 21.94 -14.28
C LEU A 120 -15.34 23.08 -14.24
N PRO A 121 -14.50 23.20 -15.27
CA PRO A 121 -13.46 24.26 -15.25
C PRO A 121 -14.05 25.62 -15.59
N ALA A 122 -14.12 26.48 -14.57
CA ALA A 122 -14.48 27.89 -14.70
C ALA A 122 -15.63 28.17 -15.66
N GLU A 123 -15.32 28.72 -16.83
CA GLU A 123 -16.33 29.13 -17.81
C GLU A 123 -16.61 27.97 -18.76
N GLU A 124 -17.39 27.01 -18.28
CA GLU A 124 -17.80 25.87 -19.08
C GLU A 124 -19.24 25.51 -18.73
N ASP A 125 -20.08 25.39 -19.75
CA ASP A 125 -21.48 25.08 -19.55
C ASP A 125 -21.67 23.60 -19.28
N TYR A 126 -22.53 23.29 -18.32
CA TYR A 126 -22.78 21.90 -17.93
C TYR A 126 -23.73 21.26 -18.94
N LEU A 127 -23.16 20.49 -19.86
CA LEU A 127 -23.97 19.67 -20.76
C LEU A 127 -24.30 18.35 -20.07
N PRO A 128 -25.57 17.98 -19.97
CA PRO A 128 -25.92 16.73 -19.29
C PRO A 128 -25.34 15.52 -20.02
N LEU A 129 -25.11 14.45 -19.25
CA LEU A 129 -24.55 13.22 -19.82
C LEU A 129 -25.52 12.61 -20.83
N LYS A 130 -25.03 12.42 -22.05
CA LYS A 130 -25.86 11.80 -23.08
C LYS A 130 -26.01 10.31 -22.81
N PRO A 131 -27.16 9.73 -23.16
CA PRO A 131 -27.33 8.29 -22.99
C PRO A 131 -26.43 7.49 -23.92
N ARG A 132 -26.13 6.26 -23.49
CA ARG A 132 -25.28 5.37 -24.28
C ARG A 132 -25.93 5.04 -25.62
N VAL A 133 -25.13 5.05 -26.67
CA VAL A 133 -25.56 4.68 -28.02
C VAL A 133 -24.74 3.48 -28.46
N GLY A 134 -25.34 2.31 -28.45
CA GLY A 134 -24.69 1.08 -28.82
C GLY A 134 -25.09 -0.03 -27.88
N LYS A 135 -24.24 -1.05 -27.79
CA LYS A 135 -24.44 -2.17 -26.88
C LYS A 135 -23.59 -1.97 -25.63
N ALA A 136 -24.03 -2.59 -24.53
CA ALA A 136 -23.28 -2.55 -23.29
C ALA A 136 -21.87 -3.10 -23.51
N ALA A 137 -20.88 -2.42 -22.93
CA ALA A 137 -19.51 -2.90 -23.04
C ALA A 137 -19.28 -4.15 -22.22
N LYS A 138 -20.07 -4.37 -21.17
CA LYS A 138 -19.94 -5.57 -20.35
C LYS A 138 -21.26 -5.82 -19.64
N GLU A 139 -21.89 -6.95 -19.93
CA GLU A 139 -23.10 -7.33 -19.21
C GLU A 139 -22.74 -7.92 -17.85
N TYR A 140 -23.71 -7.91 -16.95
CA TYR A 140 -23.51 -8.39 -15.59
C TYR A 140 -24.62 -9.36 -15.21
N PRO A 141 -24.31 -10.36 -14.39
CA PRO A 141 -25.33 -11.37 -14.02
C PRO A 141 -26.41 -10.84 -13.10
N PHE A 142 -26.22 -9.67 -12.50
CA PHE A 142 -27.11 -9.10 -11.51
C PHE A 142 -27.67 -7.78 -12.02
N ILE A 143 -28.41 -7.08 -11.16
CA ILE A 143 -28.95 -5.77 -11.47
C ILE A 143 -28.08 -4.74 -10.76
N LEU A 144 -27.56 -3.79 -11.53
CA LEU A 144 -26.70 -2.76 -10.94
C LEU A 144 -27.49 -1.84 -10.04
N ASP A 145 -26.79 -1.23 -9.08
CA ASP A 145 -27.42 -0.27 -8.19
C ASP A 145 -27.35 1.13 -8.79
N ALA A 146 -27.87 2.11 -8.07
CA ALA A 146 -27.95 3.47 -8.60
C ALA A 146 -26.57 4.04 -8.85
N PHE A 147 -25.66 3.95 -7.88
CA PHE A 147 -24.33 4.48 -8.07
C PHE A 147 -23.55 3.67 -9.09
N GLN A 148 -23.81 2.36 -9.17
CA GLN A 148 -23.25 1.54 -10.23
C GLN A 148 -23.61 2.11 -11.59
N ARG A 149 -24.90 2.35 -11.83
CA ARG A 149 -25.36 2.85 -13.12
C ARG A 149 -24.83 4.25 -13.40
N GLU A 150 -24.76 5.10 -12.37
CA GLU A 150 -24.24 6.45 -12.58
C GLU A 150 -22.78 6.42 -12.98
N ALA A 151 -21.97 5.59 -12.31
CA ALA A 151 -20.57 5.50 -12.70
C ALA A 151 -20.41 4.89 -14.08
N ILE A 152 -21.25 3.91 -14.43
CA ILE A 152 -21.19 3.35 -15.78
C ILE A 152 -21.50 4.42 -16.82
N GLN A 153 -22.52 5.24 -16.55
CA GLN A 153 -22.87 6.31 -17.48
C GLN A 153 -21.74 7.32 -17.59
N CYS A 154 -21.07 7.63 -16.47
CA CYS A 154 -19.94 8.55 -16.52
C CYS A 154 -18.80 7.98 -17.37
N VAL A 155 -18.55 6.68 -17.26
CA VAL A 155 -17.50 6.06 -18.06
C VAL A 155 -17.87 6.04 -19.54
N ASP A 156 -19.15 5.80 -19.84
CA ASP A 156 -19.59 5.68 -21.23
C ASP A 156 -19.39 6.97 -22.02
N ASN A 157 -19.32 8.12 -21.36
CA ASN A 157 -19.18 9.40 -22.03
C ASN A 157 -17.73 9.91 -22.05
N ASN A 158 -16.77 9.03 -21.76
CA ASN A 158 -15.35 9.38 -21.77
C ASN A 158 -15.06 10.57 -20.87
N GLN A 159 -15.50 10.47 -19.62
CA GLN A 159 -15.29 11.52 -18.63
C GLN A 159 -14.84 10.91 -17.31
N SER A 160 -13.85 11.55 -16.69
CA SER A 160 -13.28 11.04 -15.45
C SER A 160 -14.33 11.05 -14.33
N VAL A 161 -14.31 10.02 -13.49
CA VAL A 161 -15.30 9.84 -12.44
C VAL A 161 -14.60 9.34 -11.19
N LEU A 162 -15.10 9.77 -10.03
CA LEU A 162 -14.64 9.30 -8.74
C LEU A 162 -15.80 8.70 -7.97
N VAL A 163 -15.64 7.47 -7.50
CA VAL A 163 -16.64 6.78 -6.70
C VAL A 163 -16.08 6.61 -5.28
N SER A 164 -16.85 7.05 -4.30
CA SER A 164 -16.46 6.99 -2.89
C SER A 164 -17.53 6.21 -2.14
N ALA A 165 -17.26 4.95 -1.86
CA ALA A 165 -18.21 4.08 -1.17
C ALA A 165 -17.43 3.06 -0.35
N HIS A 166 -18.13 2.08 0.19
CA HIS A 166 -17.50 1.04 0.99
C HIS A 166 -16.89 -0.03 0.08
N THR A 167 -16.07 -0.88 0.68
CA THR A 167 -15.46 -1.98 -0.06
C THR A 167 -16.49 -3.05 -0.40
N SER A 168 -17.46 -3.28 0.48
CA SER A 168 -18.48 -4.30 0.27
C SER A 168 -19.66 -3.78 -0.53
N ALA A 169 -19.48 -2.68 -1.27
CA ALA A 169 -20.58 -2.09 -2.02
C ALA A 169 -20.63 -2.55 -3.47
N GLY A 170 -19.52 -3.02 -4.02
CA GLY A 170 -19.48 -3.39 -5.42
C GLY A 170 -18.82 -2.32 -6.27
N LYS A 171 -17.74 -1.74 -5.75
CA LYS A 171 -17.08 -0.62 -6.40
C LYS A 171 -16.13 -1.06 -7.51
N THR A 172 -15.85 -2.36 -7.64
CA THR A 172 -14.96 -2.85 -8.67
C THR A 172 -15.63 -2.98 -10.03
N VAL A 173 -16.96 -3.06 -10.05
CA VAL A 173 -17.69 -3.27 -11.31
C VAL A 173 -17.38 -2.15 -12.30
N CYS A 174 -17.28 -0.91 -11.80
CA CYS A 174 -17.04 0.22 -12.68
C CYS A 174 -15.70 0.09 -13.40
N ALA A 175 -14.65 -0.31 -12.67
CA ALA A 175 -13.35 -0.50 -13.29
C ALA A 175 -13.38 -1.63 -14.31
N GLU A 176 -14.13 -2.70 -14.03
CA GLU A 176 -14.27 -3.78 -15.00
C GLU A 176 -14.94 -3.30 -16.27
N TYR A 177 -15.99 -2.48 -16.13
CA TYR A 177 -16.66 -1.93 -17.30
C TYR A 177 -15.72 -1.04 -18.10
N ALA A 178 -14.94 -0.20 -17.42
CA ALA A 178 -14.01 0.67 -18.12
C ALA A 178 -12.95 -0.15 -18.87
N ILE A 179 -12.46 -1.22 -18.26
CA ILE A 179 -11.46 -2.07 -18.90
C ILE A 179 -12.07 -2.77 -20.12
N ALA A 180 -13.30 -3.25 -19.99
CA ALA A 180 -13.96 -3.92 -21.10
C ALA A 180 -14.20 -2.95 -22.26
N LEU A 181 -14.64 -1.73 -21.96
CA LEU A 181 -14.92 -0.78 -23.01
C LEU A 181 -13.63 -0.29 -23.68
N ALA A 182 -12.54 -0.17 -22.93
CA ALA A 182 -11.28 0.20 -23.57
C ALA A 182 -10.73 -0.96 -24.39
N LEU A 183 -10.99 -2.20 -23.98
CA LEU A 183 -10.60 -3.35 -24.79
C LEU A 183 -11.38 -3.36 -26.10
N ARG A 184 -12.69 -3.09 -26.04
CA ARG A 184 -13.52 -3.12 -27.24
C ARG A 184 -13.07 -2.07 -28.24
N GLU A 185 -12.70 -0.88 -27.76
CA GLU A 185 -12.28 0.22 -28.62
C GLU A 185 -10.80 0.15 -28.99
N LYS A 186 -10.13 -0.96 -28.71
CA LYS A 186 -8.74 -1.19 -29.09
C LYS A 186 -7.82 -0.13 -28.49
N GLN A 187 -7.87 -0.02 -27.17
CA GLN A 187 -7.05 0.91 -26.42
C GLN A 187 -6.41 0.20 -25.25
N ARG A 188 -5.32 0.75 -24.76
CA ARG A 188 -4.58 0.17 -23.64
C ARG A 188 -5.09 0.72 -22.32
N VAL A 189 -4.92 -0.08 -21.26
CA VAL A 189 -5.40 0.27 -19.93
C VAL A 189 -4.24 0.09 -18.96
N ILE A 190 -4.29 0.83 -17.85
CA ILE A 190 -3.37 0.64 -16.73
C ILE A 190 -4.18 0.53 -15.45
N PHE A 191 -3.92 -0.52 -14.66
CA PHE A 191 -4.54 -0.73 -13.36
C PHE A 191 -3.44 -0.78 -12.32
N THR A 192 -3.36 0.26 -11.48
CA THR A 192 -2.29 0.39 -10.51
C THR A 192 -2.80 0.17 -9.09
N SER A 193 -1.98 -0.48 -8.28
CA SER A 193 -2.31 -0.76 -6.89
C SER A 193 -1.10 -0.43 -6.02
N PRO A 194 -1.33 0.03 -4.79
CA PRO A 194 -0.21 0.40 -3.91
C PRO A 194 0.65 -0.78 -3.46
N ILE A 195 0.00 -1.87 -3.05
CA ILE A 195 0.68 -3.03 -2.48
C ILE A 195 0.97 -4.03 -3.58
N LYS A 196 2.09 -4.76 -3.44
CA LYS A 196 2.51 -5.70 -4.45
C LYS A 196 1.67 -6.98 -4.43
N ALA A 197 1.31 -7.47 -3.24
CA ALA A 197 0.47 -8.66 -3.16
C ALA A 197 -0.93 -8.38 -3.72
N LEU A 198 -1.47 -7.20 -3.44
CA LEU A 198 -2.74 -6.80 -4.04
C LEU A 198 -2.65 -6.84 -5.56
N SER A 199 -1.50 -6.44 -6.11
CA SER A 199 -1.32 -6.49 -7.56
C SER A 199 -1.39 -7.92 -8.07
N ASN A 200 -0.78 -8.87 -7.34
CA ASN A 200 -0.82 -10.27 -7.76
C ASN A 200 -2.25 -10.81 -7.73
N GLN A 201 -2.99 -10.53 -6.66
CA GLN A 201 -4.37 -11.01 -6.58
C GLN A 201 -5.23 -10.38 -7.66
N LYS A 202 -5.06 -9.08 -7.91
CA LYS A 202 -5.81 -8.41 -8.96
C LYS A 202 -5.48 -8.99 -10.33
N TYR A 203 -4.19 -9.27 -10.59
CA TYR A 203 -3.82 -9.89 -11.84
C TYR A 203 -4.47 -11.24 -12.01
N ARG A 204 -4.49 -12.04 -10.94
CA ARG A 204 -5.13 -13.35 -11.01
C ARG A 204 -6.61 -13.22 -11.36
N GLU A 205 -7.34 -12.39 -10.61
CA GLU A 205 -8.78 -12.28 -10.84
C GLU A 205 -9.12 -11.61 -12.15
N MET A 206 -8.22 -10.80 -12.72
CA MET A 206 -8.52 -10.16 -13.99
C MET A 206 -8.05 -10.97 -15.19
N TYR A 207 -7.04 -11.82 -15.01
CA TYR A 207 -6.72 -12.81 -16.03
C TYR A 207 -7.80 -13.87 -16.11
N GLU A 208 -8.43 -14.20 -14.98
CA GLU A 208 -9.53 -15.15 -15.00
C GLU A 208 -10.71 -14.64 -15.81
N GLU A 209 -10.80 -13.33 -16.05
CA GLU A 209 -12.00 -12.75 -16.66
C GLU A 209 -11.78 -12.14 -18.03
N PHE A 210 -10.70 -11.39 -18.23
CA PHE A 210 -10.49 -10.71 -19.50
C PHE A 210 -9.61 -11.47 -20.48
N GLN A 211 -8.67 -12.27 -19.98
CA GLN A 211 -7.83 -13.20 -20.71
C GLN A 211 -6.73 -12.48 -21.51
N ASP A 212 -6.73 -11.15 -21.52
CA ASP A 212 -5.65 -10.37 -22.12
C ASP A 212 -5.21 -9.33 -21.09
N VAL A 213 -4.26 -9.72 -20.23
CA VAL A 213 -3.75 -8.85 -19.18
C VAL A 213 -2.25 -9.13 -19.02
N GLY A 214 -1.60 -8.29 -18.23
CA GLY A 214 -0.19 -8.45 -17.96
C GLY A 214 0.24 -7.84 -16.66
N LEU A 215 1.08 -8.55 -15.90
CA LEU A 215 1.57 -8.07 -14.62
C LEU A 215 2.95 -7.44 -14.79
N MET A 216 3.18 -6.35 -14.08
CA MET A 216 4.45 -5.64 -14.17
C MET A 216 4.73 -5.00 -12.80
N THR A 217 5.57 -5.68 -12.01
CA THR A 217 6.03 -5.15 -10.74
C THR A 217 7.56 -5.15 -10.74
N GLY A 218 8.14 -4.79 -9.60
CA GLY A 218 9.59 -4.84 -9.48
C GLY A 218 10.13 -6.26 -9.54
N ASP A 219 9.38 -7.21 -8.98
CA ASP A 219 9.86 -8.58 -8.87
C ASP A 219 9.49 -9.44 -10.09
N VAL A 220 8.32 -9.23 -10.66
CA VAL A 220 7.79 -10.11 -11.71
C VAL A 220 7.25 -9.26 -12.85
N THR A 221 7.41 -9.75 -14.07
CA THR A 221 6.89 -9.09 -15.27
C THR A 221 6.35 -10.16 -16.21
N ILE A 222 5.03 -10.20 -16.39
CA ILE A 222 4.36 -11.26 -17.15
C ILE A 222 3.69 -10.63 -18.36
N ASN A 223 4.14 -11.02 -19.56
CA ASN A 223 3.55 -10.62 -20.82
C ASN A 223 3.38 -9.11 -20.91
N PRO A 224 4.48 -8.33 -20.99
CA PRO A 224 4.35 -6.86 -21.03
C PRO A 224 4.06 -6.32 -22.43
N THR A 225 3.11 -6.95 -23.12
CA THR A 225 2.52 -6.43 -24.35
C THR A 225 1.03 -6.79 -24.28
N ALA A 226 0.23 -5.86 -23.78
CA ALA A 226 -1.19 -6.13 -23.59
C ALA A 226 -1.93 -4.80 -23.52
N SER A 227 -3.24 -4.88 -23.70
CA SER A 227 -4.09 -3.70 -23.58
C SER A 227 -4.59 -3.48 -22.17
N CYS A 228 -4.21 -4.34 -21.22
CA CYS A 228 -4.56 -4.17 -19.81
C CYS A 228 -3.35 -4.57 -18.98
N LEU A 229 -2.59 -3.57 -18.53
CA LEU A 229 -1.41 -3.81 -17.72
C LEU A 229 -1.73 -3.55 -16.26
N VAL A 230 -1.39 -4.50 -15.40
CA VAL A 230 -1.49 -4.34 -13.96
C VAL A 230 -0.09 -4.06 -13.43
N MET A 231 0.10 -2.87 -12.85
CA MET A 231 1.41 -2.43 -12.38
C MET A 231 1.28 -1.86 -10.98
N THR A 232 2.42 -1.66 -10.34
CA THR A 232 2.47 -0.95 -9.07
C THR A 232 2.74 0.52 -9.33
N THR A 233 2.43 1.35 -8.32
CA THR A 233 2.50 2.79 -8.49
C THR A 233 3.92 3.26 -8.82
N GLU A 234 4.93 2.62 -8.23
CA GLU A 234 6.30 3.07 -8.45
C GLU A 234 6.80 2.74 -9.85
N ILE A 235 6.36 1.61 -10.41
CA ILE A 235 6.74 1.28 -11.78
C ILE A 235 6.18 2.31 -12.76
N LEU A 236 4.93 2.73 -12.54
CA LEU A 236 4.33 3.76 -13.39
C LEU A 236 5.08 5.08 -13.29
N ARG A 237 5.48 5.46 -12.08
CA ARG A 237 6.22 6.70 -11.91
C ARG A 237 7.59 6.62 -12.58
N SER A 238 8.26 5.48 -12.48
CA SER A 238 9.54 5.32 -13.16
C SER A 238 9.36 5.39 -14.67
N MET A 239 8.31 4.75 -15.19
CA MET A 239 8.01 4.84 -16.62
C MET A 239 7.75 6.28 -17.04
N LEU A 240 7.01 7.04 -16.24
CA LEU A 240 6.70 8.41 -16.58
C LEU A 240 7.93 9.30 -16.54
N TYR A 241 8.85 9.04 -15.61
CA TYR A 241 10.08 9.82 -15.56
C TYR A 241 11.01 9.47 -16.70
N ARG A 242 11.02 8.21 -17.14
CA ARG A 242 11.83 7.80 -18.28
C ARG A 242 11.04 7.97 -19.57
N GLY A 243 11.57 7.48 -20.68
CA GLY A 243 10.83 7.51 -21.92
C GLY A 243 9.64 6.58 -21.90
N SER A 244 9.92 5.28 -21.84
CA SER A 244 8.91 4.25 -21.54
C SER A 244 7.67 4.40 -22.42
N GLU A 245 7.87 4.24 -23.72
CA GLU A 245 6.81 4.50 -24.70
C GLU A 245 5.81 3.35 -24.63
N VAL A 246 5.08 3.34 -23.52
CA VAL A 246 3.96 2.42 -23.32
C VAL A 246 2.66 3.14 -23.03
N MET A 247 2.69 4.36 -22.53
CA MET A 247 1.51 5.19 -22.33
C MET A 247 1.12 5.96 -23.58
N ARG A 248 1.81 5.72 -24.70
CA ARG A 248 1.51 6.45 -25.93
C ARG A 248 0.10 6.16 -26.42
N GLU A 249 -0.36 4.93 -26.29
CA GLU A 249 -1.65 4.51 -26.82
C GLU A 249 -2.62 4.12 -25.70
N VAL A 250 -2.46 4.69 -24.51
CA VAL A 250 -3.32 4.41 -23.37
C VAL A 250 -4.38 5.50 -23.29
N ALA A 251 -5.60 5.11 -22.92
CA ALA A 251 -6.71 6.04 -22.80
C ALA A 251 -7.29 6.13 -21.40
N TRP A 252 -7.15 5.10 -20.58
CA TRP A 252 -7.68 5.08 -19.23
C TRP A 252 -6.59 4.67 -18.25
N VAL A 253 -6.64 5.25 -17.06
CA VAL A 253 -5.80 4.83 -15.94
C VAL A 253 -6.69 4.69 -14.71
N ILE A 254 -6.60 3.55 -14.04
CA ILE A 254 -7.46 3.25 -12.89
C ILE A 254 -6.60 3.22 -11.63
N PHE A 255 -6.98 4.04 -10.65
CA PHE A 255 -6.31 4.09 -9.35
C PHE A 255 -7.18 3.40 -8.33
N ASP A 256 -6.62 2.38 -7.67
CA ASP A 256 -7.32 1.62 -6.64
C ASP A 256 -6.83 2.06 -5.27
N GLU A 257 -7.77 2.25 -4.35
CA GLU A 257 -7.48 2.72 -2.99
C GLU A 257 -6.75 4.07 -3.03
N ILE A 258 -7.43 5.06 -3.59
CA ILE A 258 -6.87 6.40 -3.75
C ILE A 258 -6.48 7.01 -2.41
N HIS A 259 -7.06 6.53 -1.31
CA HIS A 259 -6.78 7.07 0.02
C HIS A 259 -5.39 6.74 0.52
N TYR A 260 -4.61 5.94 -0.20
CA TYR A 260 -3.21 5.73 0.16
C TYR A 260 -2.37 6.98 0.01
N MET A 261 -2.90 8.03 -0.62
CA MET A 261 -2.16 9.28 -0.72
C MET A 261 -2.36 10.05 0.58
N ARG A 262 -2.06 9.38 1.70
CA ARG A 262 -2.12 9.98 3.02
C ARG A 262 -0.92 9.57 3.87
N ASP A 263 0.15 9.14 3.23
CA ASP A 263 1.34 8.64 3.93
C ASP A 263 2.45 9.69 3.84
N SER A 264 3.03 10.02 4.99
CA SER A 264 4.14 10.96 5.01
C SER A 264 5.42 10.36 4.43
N GLU A 265 5.44 9.06 4.14
CA GLU A 265 6.62 8.39 3.63
C GLU A 265 6.52 8.01 2.15
N ARG A 266 5.35 7.53 1.70
CA ARG A 266 5.22 7.02 0.34
C ARG A 266 4.04 7.61 -0.42
N GLY A 267 3.37 8.62 0.11
CA GLY A 267 2.28 9.26 -0.59
C GLY A 267 2.69 10.30 -1.60
N VAL A 268 4.00 10.54 -1.75
CA VAL A 268 4.48 11.56 -2.66
C VAL A 268 4.57 11.04 -4.09
N VAL A 269 5.02 9.79 -4.25
CA VAL A 269 5.08 9.20 -5.58
C VAL A 269 3.71 9.14 -6.22
N TRP A 270 2.66 9.07 -5.39
CA TRP A 270 1.30 9.05 -5.92
C TRP A 270 0.96 10.37 -6.62
N GLU A 271 1.24 11.48 -5.95
CA GLU A 271 1.00 12.79 -6.55
C GLU A 271 1.93 13.01 -7.74
N GLU A 272 3.16 12.53 -7.64
CA GLU A 272 4.07 12.63 -8.79
C GLU A 272 3.47 11.92 -10.01
N THR A 273 2.96 10.71 -9.80
CA THR A 273 2.35 9.97 -10.90
C THR A 273 1.14 10.70 -11.47
N ILE A 274 0.30 11.27 -10.60
CA ILE A 274 -0.90 11.94 -11.09
C ILE A 274 -0.54 13.19 -11.87
N ILE A 275 0.45 13.96 -11.39
CA ILE A 275 0.81 15.21 -12.05
C ILE A 275 1.52 14.94 -13.37
N LEU A 276 2.37 13.91 -13.42
CA LEU A 276 3.18 13.68 -14.60
C LEU A 276 2.39 13.08 -15.77
N LEU A 277 1.15 12.63 -15.54
CA LEU A 277 0.39 12.00 -16.59
C LEU A 277 -0.01 13.01 -17.66
N PRO A 278 -0.24 12.55 -18.89
CA PRO A 278 -0.63 13.46 -19.97
C PRO A 278 -2.03 14.03 -19.74
N ASP A 279 -2.34 15.06 -20.51
CA ASP A 279 -3.62 15.76 -20.41
C ASP A 279 -4.72 15.10 -21.23
N ASN A 280 -4.43 14.02 -21.95
CA ASN A 280 -5.39 13.40 -22.85
C ASN A 280 -5.88 12.05 -22.33
N VAL A 281 -5.68 11.76 -21.05
CA VAL A 281 -6.10 10.49 -20.47
C VAL A 281 -7.23 10.75 -19.48
N HIS A 282 -8.04 9.72 -19.27
CA HIS A 282 -9.17 9.77 -18.36
C HIS A 282 -8.95 8.76 -17.23
N TYR A 283 -9.45 9.10 -16.04
CA TYR A 283 -9.14 8.36 -14.84
C TYR A 283 -10.40 7.82 -14.19
N VAL A 284 -10.23 6.72 -13.45
CA VAL A 284 -11.26 6.20 -12.56
C VAL A 284 -10.60 6.04 -11.19
N PHE A 285 -11.03 6.84 -10.23
CA PHE A 285 -10.53 6.79 -8.87
C PHE A 285 -11.53 6.04 -8.00
N LEU A 286 -11.04 5.10 -7.19
CA LEU A 286 -11.87 4.36 -6.26
C LEU A 286 -11.49 4.74 -4.84
N SER A 287 -12.50 5.02 -4.01
CA SER A 287 -12.29 5.60 -2.70
C SER A 287 -13.09 4.86 -1.64
N ALA A 288 -12.62 4.93 -0.41
CA ALA A 288 -13.49 4.72 0.73
C ALA A 288 -14.26 6.01 1.00
N THR A 289 -15.24 5.94 1.89
CA THR A 289 -16.04 7.12 2.20
C THR A 289 -15.15 8.19 2.82
N ILE A 290 -15.10 9.35 2.18
CA ILE A 290 -14.30 10.48 2.66
C ILE A 290 -15.16 11.73 2.66
N PRO A 291 -14.93 12.66 3.60
CA PRO A 291 -15.71 13.91 3.60
C PRO A 291 -15.46 14.79 2.38
N ASN A 292 -14.19 15.04 2.06
CA ASN A 292 -13.84 15.95 0.98
C ASN A 292 -13.67 15.22 -0.35
N ALA A 293 -14.71 14.48 -0.76
CA ALA A 293 -14.71 13.88 -2.08
C ALA A 293 -14.74 14.95 -3.16
N ARG A 294 -15.46 16.05 -2.92
CA ARG A 294 -15.58 17.11 -3.92
C ARG A 294 -14.25 17.81 -4.16
N GLN A 295 -13.43 17.96 -3.11
CA GLN A 295 -12.19 18.71 -3.25
C GLN A 295 -11.20 17.96 -4.14
N PHE A 296 -11.26 16.64 -4.16
CA PHE A 296 -10.39 15.87 -5.03
C PHE A 296 -10.77 16.05 -6.50
N ALA A 297 -12.08 16.07 -6.79
CA ALA A 297 -12.51 16.34 -8.15
C ALA A 297 -12.16 17.76 -8.58
N GLU A 298 -12.26 18.72 -7.65
CA GLU A 298 -11.82 20.07 -7.98
C GLU A 298 -10.33 20.11 -8.30
N TRP A 299 -9.53 19.35 -7.55
CA TRP A 299 -8.10 19.33 -7.82
C TRP A 299 -7.81 18.69 -9.17
N ILE A 300 -8.52 17.61 -9.52
CA ILE A 300 -8.34 16.98 -10.81
C ILE A 300 -8.71 17.94 -11.94
N CYS A 301 -9.83 18.66 -11.77
CA CYS A 301 -10.26 19.61 -12.79
C CYS A 301 -9.25 20.73 -12.96
N HIS A 302 -8.71 21.26 -11.87
CA HIS A 302 -7.68 22.28 -11.99
C HIS A 302 -6.38 21.71 -12.56
N LEU A 303 -6.12 20.43 -12.31
CA LEU A 303 -4.87 19.83 -12.73
C LEU A 303 -4.84 19.61 -14.23
N HIS A 304 -5.76 18.79 -14.76
CA HIS A 304 -5.70 18.46 -16.20
C HIS A 304 -6.99 18.80 -16.96
N LYS A 305 -7.29 20.11 -17.07
CA LYS A 305 -8.44 20.75 -17.77
C LYS A 305 -9.51 19.79 -18.30
N GLN A 306 -10.33 19.23 -17.40
CA GLN A 306 -11.46 18.37 -17.76
C GLN A 306 -12.41 18.20 -16.59
N PRO A 307 -13.70 17.93 -16.85
CA PRO A 307 -14.63 17.63 -15.76
C PRO A 307 -14.27 16.32 -15.06
N CYS A 308 -14.57 16.26 -13.77
CA CYS A 308 -14.35 15.06 -12.96
C CYS A 308 -15.56 14.90 -12.06
N HIS A 309 -16.34 13.85 -12.28
CA HIS A 309 -17.55 13.61 -11.51
C HIS A 309 -17.23 13.06 -10.13
N VAL A 310 -18.21 13.11 -9.25
CA VAL A 310 -18.11 12.57 -7.89
C VAL A 310 -19.35 11.74 -7.58
N ILE A 311 -19.14 10.49 -7.18
CA ILE A 311 -20.20 9.61 -6.74
C ILE A 311 -19.94 9.26 -5.28
N TYR A 312 -20.90 9.59 -4.41
CA TYR A 312 -20.76 9.34 -2.98
C TYR A 312 -22.01 8.66 -2.47
N THR A 313 -21.84 7.51 -1.82
CA THR A 313 -22.94 6.80 -1.20
C THR A 313 -22.46 6.13 0.08
N ASP A 314 -23.43 5.82 0.95
CA ASP A 314 -23.15 5.10 2.19
C ASP A 314 -23.95 3.80 2.27
N TYR A 315 -24.33 3.25 1.12
CA TYR A 315 -25.13 2.03 1.08
C TYR A 315 -24.25 0.81 1.32
N ARG A 316 -24.71 -0.08 2.20
CA ARG A 316 -24.06 -1.36 2.41
C ARG A 316 -25.10 -2.46 2.27
N PRO A 317 -24.82 -3.51 1.49
CA PRO A 317 -25.84 -4.52 1.23
C PRO A 317 -26.30 -5.27 2.47
N THR A 318 -25.41 -5.45 3.45
CA THR A 318 -25.73 -6.21 4.66
C THR A 318 -25.58 -5.28 5.87
N PRO A 319 -26.62 -5.12 6.67
CA PRO A 319 -26.53 -4.23 7.83
C PRO A 319 -25.60 -4.79 8.91
N LEU A 320 -25.06 -3.88 9.71
CA LEU A 320 -24.13 -4.25 10.77
C LEU A 320 -24.79 -4.06 12.14
N GLN A 321 -24.32 -4.84 13.10
CA GLN A 321 -24.75 -4.72 14.50
C GLN A 321 -23.52 -4.77 15.38
N HIS A 322 -23.24 -3.67 16.08
CA HIS A 322 -22.05 -3.56 16.91
C HIS A 322 -22.38 -3.91 18.36
N TYR A 323 -21.39 -4.49 19.04
CA TYR A 323 -21.49 -4.83 20.45
C TYR A 323 -20.23 -4.37 21.17
N ILE A 324 -20.34 -4.22 22.48
CA ILE A 324 -19.20 -3.94 23.35
C ILE A 324 -19.21 -4.93 24.50
N PHE A 325 -18.06 -5.51 24.80
CA PHE A 325 -17.90 -6.50 25.85
C PHE A 325 -17.05 -5.92 26.97
N PRO A 326 -17.63 -5.57 28.11
CA PRO A 326 -16.84 -5.01 29.21
C PRO A 326 -15.91 -6.06 29.81
N ALA A 327 -14.81 -5.59 30.38
CA ALA A 327 -13.82 -6.48 31.00
C ALA A 327 -14.39 -6.98 32.32
N GLY A 328 -14.98 -8.17 32.28
CA GLY A 328 -15.61 -8.76 33.45
C GLY A 328 -17.11 -8.82 33.29
N GLY A 329 -17.62 -9.99 32.97
CA GLY A 329 -19.04 -10.16 32.78
C GLY A 329 -19.30 -11.28 31.80
N ASP A 330 -20.58 -11.53 31.57
CA ASP A 330 -21.02 -12.54 30.60
C ASP A 330 -22.17 -11.97 29.80
N GLY A 331 -22.00 -11.89 28.49
CA GLY A 331 -23.03 -11.33 27.63
C GLY A 331 -22.51 -10.14 26.84
N LEU A 332 -23.16 -9.85 25.72
CA LEU A 332 -22.78 -8.75 24.86
C LEU A 332 -23.85 -7.67 24.92
N HIS A 333 -23.41 -6.41 24.92
CA HIS A 333 -24.30 -5.26 25.04
C HIS A 333 -24.42 -4.59 23.67
N LEU A 334 -25.61 -4.66 23.08
CA LEU A 334 -25.85 -4.14 21.74
C LEU A 334 -25.87 -2.62 21.79
N VAL A 335 -24.76 -2.00 21.38
CA VAL A 335 -24.68 -0.53 21.41
C VAL A 335 -25.43 0.07 20.24
N VAL A 336 -25.04 -0.26 19.02
CA VAL A 336 -25.71 0.27 17.84
C VAL A 336 -26.19 -0.91 17.00
N ASP A 337 -27.25 -0.67 16.23
CA ASP A 337 -27.90 -1.74 15.48
C ASP A 337 -28.03 -1.36 14.01
N GLU A 338 -28.77 -2.16 13.25
CA GLU A 338 -28.89 -2.00 11.81
C GLU A 338 -29.56 -0.69 11.41
N ASN A 339 -29.98 0.11 12.40
CA ASN A 339 -30.61 1.39 12.15
C ASN A 339 -29.74 2.59 12.50
N GLY A 340 -28.71 2.40 13.32
CA GLY A 340 -27.72 3.42 13.57
C GLY A 340 -27.83 4.17 14.89
N ASP A 341 -28.95 4.08 15.59
CA ASP A 341 -29.10 4.81 16.84
C ASP A 341 -28.18 4.23 17.91
N PHE A 342 -27.62 5.12 18.75
CA PHE A 342 -26.56 4.73 19.66
C PHE A 342 -27.04 3.93 20.85
N ARG A 343 -28.33 3.98 21.18
CA ARG A 343 -28.90 3.18 22.28
C ARG A 343 -28.12 3.40 23.57
N GLU A 344 -28.15 4.66 24.04
CA GLU A 344 -27.28 5.09 25.13
C GLU A 344 -27.45 4.26 26.40
N ASP A 345 -28.60 3.62 26.59
CA ASP A 345 -28.80 2.83 27.80
C ASP A 345 -27.86 1.63 27.87
N ASN A 346 -27.54 1.00 26.75
CA ASN A 346 -26.64 -0.16 26.82
C ASN A 346 -25.18 0.24 26.91
N PHE A 347 -24.80 1.36 26.27
CA PHE A 347 -23.45 1.88 26.49
C PHE A 347 -23.25 2.25 27.95
N ASN A 348 -24.25 2.89 28.56
CA ASN A 348 -24.15 3.24 29.97
C ASN A 348 -24.10 1.99 30.85
N THR A 349 -24.91 0.98 30.55
CA THR A 349 -24.89 -0.25 31.34
C THR A 349 -23.53 -0.93 31.26
N ALA A 350 -22.99 -1.06 30.05
CA ALA A 350 -21.68 -1.69 29.88
C ALA A 350 -20.59 -0.90 30.62
N MET A 351 -20.63 0.43 30.50
CA MET A 351 -19.58 1.21 31.12
C MET A 351 -19.69 1.19 32.64
N GLN A 352 -20.92 1.11 33.16
CA GLN A 352 -21.10 0.94 34.60
C GLN A 352 -20.56 -0.40 35.07
N VAL A 353 -20.76 -1.45 34.28
CA VAL A 353 -20.18 -2.75 34.63
C VAL A 353 -18.66 -2.65 34.68
N LEU A 354 -18.07 -2.07 33.63
CA LEU A 354 -16.61 -1.95 33.57
C LEU A 354 -16.06 -1.08 34.68
N ARG A 355 -16.84 -0.09 35.13
CA ARG A 355 -16.40 0.78 36.21
C ARG A 355 -16.51 0.09 37.56
N ASP A 356 -17.72 -0.33 37.95
CA ASP A 356 -17.93 -0.84 39.30
C ASP A 356 -17.24 -2.17 39.52
N ALA A 357 -17.07 -2.98 38.48
CA ALA A 357 -16.38 -4.25 38.64
C ALA A 357 -14.88 -4.14 38.39
N GLY A 358 -14.39 -2.96 38.00
CA GLY A 358 -12.98 -2.79 37.71
C GLY A 358 -12.22 -1.99 38.75
N SER A 376 -8.05 -16.16 29.06
CA SER A 376 -9.28 -16.90 28.85
C SER A 376 -10.42 -15.95 28.46
N ASN A 377 -10.18 -14.64 28.58
CA ASN A 377 -11.21 -13.67 28.26
C ASN A 377 -11.60 -13.75 26.79
N VAL A 378 -10.61 -13.84 25.90
CA VAL A 378 -10.90 -13.99 24.48
C VAL A 378 -11.41 -15.41 24.19
N PHE A 379 -10.92 -16.40 24.94
CA PHE A 379 -11.34 -17.78 24.73
C PHE A 379 -12.84 -17.92 24.95
N LYS A 380 -13.37 -17.33 26.01
CA LYS A 380 -14.80 -17.42 26.30
C LYS A 380 -15.62 -16.78 25.20
N ILE A 381 -15.20 -15.60 24.73
CA ILE A 381 -15.96 -14.90 23.70
C ILE A 381 -15.93 -15.67 22.38
N VAL A 382 -14.78 -16.25 22.03
CA VAL A 382 -14.72 -17.03 20.80
C VAL A 382 -15.60 -18.28 20.93
N LYS A 383 -15.61 -18.93 22.09
CA LYS A 383 -16.49 -20.08 22.27
C LYS A 383 -17.96 -19.66 22.15
N MET A 384 -18.31 -18.52 22.72
CA MET A 384 -19.67 -18.01 22.59
C MET A 384 -20.02 -17.76 21.14
N ILE A 385 -19.10 -17.15 20.38
CA ILE A 385 -19.35 -16.84 18.98
C ILE A 385 -19.55 -18.11 18.18
N MET A 386 -18.66 -19.09 18.38
CA MET A 386 -18.71 -20.33 17.62
C MET A 386 -19.80 -21.27 18.09
N GLU A 387 -20.42 -21.01 19.23
CA GLU A 387 -21.55 -21.83 19.64
C GLU A 387 -22.83 -21.39 18.93
N ARG A 388 -23.07 -20.09 18.85
CA ARG A 388 -24.26 -19.57 18.17
C ARG A 388 -24.02 -19.27 16.70
N ASN A 389 -23.50 -20.26 15.96
CA ASN A 389 -23.44 -20.27 14.50
C ASN A 389 -23.06 -18.90 13.91
N PHE A 390 -21.90 -18.39 14.34
CA PHE A 390 -21.42 -17.10 13.84
C PHE A 390 -20.09 -17.24 13.09
N GLN A 391 -19.88 -18.39 12.44
CA GLN A 391 -18.62 -18.61 11.67
C GLN A 391 -18.77 -18.00 10.27
N PRO A 392 -17.69 -17.56 9.58
CA PRO A 392 -16.32 -17.54 10.12
C PRO A 392 -16.08 -16.31 11.02
N VAL A 393 -14.89 -16.22 11.63
CA VAL A 393 -14.57 -15.13 12.55
C VAL A 393 -13.20 -14.58 12.20
N ILE A 394 -13.05 -13.26 12.29
CA ILE A 394 -11.76 -12.59 12.16
C ILE A 394 -11.47 -11.91 13.49
N ILE A 395 -10.33 -12.23 14.10
CA ILE A 395 -9.91 -11.62 15.36
C ILE A 395 -8.77 -10.66 15.04
N PHE A 396 -9.00 -9.38 15.27
CA PHE A 396 -8.05 -8.33 14.91
C PHE A 396 -7.24 -7.94 16.13
N SER A 397 -5.92 -8.06 16.03
CA SER A 397 -5.00 -7.63 17.08
C SER A 397 -3.86 -6.86 16.44
N PHE A 398 -3.24 -5.98 17.23
CA PHE A 398 -2.23 -5.06 16.71
C PHE A 398 -0.82 -5.43 17.14
N SER A 399 -0.63 -6.64 17.67
CA SER A 399 0.69 -7.18 17.96
C SER A 399 0.75 -8.61 17.43
N LYS A 400 1.83 -8.94 16.72
CA LYS A 400 1.92 -10.26 16.11
C LYS A 400 2.11 -11.37 17.14
N LYS A 401 2.65 -11.03 18.32
CA LYS A 401 2.77 -12.04 19.37
C LYS A 401 1.41 -12.44 19.91
N ASP A 402 0.48 -11.49 20.02
CA ASP A 402 -0.82 -11.78 20.60
C ASP A 402 -1.62 -12.73 19.71
N CYS A 403 -1.47 -12.61 18.39
CA CYS A 403 -2.19 -13.50 17.47
C CYS A 403 -1.75 -14.94 17.68
N GLU A 404 -0.44 -15.17 17.72
CA GLU A 404 0.07 -16.52 17.96
C GLU A 404 -0.34 -17.02 19.34
N ALA A 405 -0.29 -16.15 20.35
CA ALA A 405 -0.68 -16.55 21.69
C ALA A 405 -2.13 -16.99 21.74
N TYR A 406 -3.03 -16.23 21.10
CA TYR A 406 -4.43 -16.60 21.08
C TYR A 406 -4.66 -17.88 20.29
N ALA A 407 -3.92 -18.09 19.21
CA ALA A 407 -4.04 -19.34 18.47
C ALA A 407 -3.65 -20.53 19.33
N LEU A 408 -2.55 -20.40 20.09
CA LEU A 408 -2.17 -21.47 21.01
C LEU A 408 -3.24 -21.67 22.08
N GLN A 409 -3.85 -20.59 22.56
CA GLN A 409 -4.89 -20.72 23.56
C GLN A 409 -6.13 -21.42 23.01
N MET A 410 -6.41 -21.28 21.72
CA MET A 410 -7.53 -21.99 21.11
C MET A 410 -7.18 -23.38 20.60
N THR A 411 -5.88 -23.75 20.60
CA THR A 411 -5.48 -25.07 20.11
C THR A 411 -6.33 -26.21 20.65
N LYS A 412 -6.92 -26.05 21.84
CA LYS A 412 -7.67 -27.15 22.45
C LYS A 412 -9.12 -27.24 21.97
N LEU A 413 -9.46 -26.62 20.83
CA LEU A 413 -10.80 -26.72 20.27
C LEU A 413 -10.70 -27.08 18.79
N ASP A 414 -11.67 -27.84 18.31
CA ASP A 414 -11.68 -28.35 16.95
C ASP A 414 -12.97 -27.91 16.25
N PHE A 415 -12.84 -27.40 15.03
CA PHE A 415 -13.98 -26.92 14.26
C PHE A 415 -14.15 -27.59 12.91
N ASN A 416 -13.06 -28.02 12.27
CA ASN A 416 -13.15 -28.64 10.96
C ASN A 416 -13.70 -30.06 11.06
N THR A 417 -14.27 -30.54 9.96
CA THR A 417 -14.82 -31.87 9.85
C THR A 417 -13.75 -32.82 9.29
N ASP A 418 -14.01 -34.13 9.35
CA ASP A 418 -13.04 -35.12 8.90
C ASP A 418 -12.68 -34.92 7.43
N GLU A 419 -13.67 -34.62 6.59
CA GLU A 419 -13.39 -34.40 5.18
C GLU A 419 -12.65 -33.08 4.96
N GLU A 420 -12.96 -32.07 5.77
CA GLU A 420 -12.26 -30.78 5.67
C GLU A 420 -10.78 -30.93 5.96
N LYS A 421 -10.40 -31.84 6.86
CA LYS A 421 -8.99 -32.04 7.14
C LYS A 421 -8.29 -32.72 5.98
N LYS A 422 -8.98 -33.63 5.29
CA LYS A 422 -8.41 -34.19 4.06
C LYS A 422 -8.23 -33.11 3.01
N MET A 423 -9.22 -32.20 2.89
CA MET A 423 -9.11 -31.12 1.91
C MET A 423 -7.94 -30.20 2.23
N VAL A 424 -7.75 -29.84 3.50
CA VAL A 424 -6.64 -28.97 3.86
C VAL A 424 -5.31 -29.68 3.64
N GLU A 425 -5.26 -31.00 3.89
CA GLU A 425 -4.06 -31.76 3.54
C GLU A 425 -3.77 -31.66 2.04
N GLU A 426 -4.80 -31.85 1.22
CA GLU A 426 -4.59 -31.85 -0.23
C GLU A 426 -4.13 -30.49 -0.72
N VAL A 427 -4.65 -29.42 -0.13
CA VAL A 427 -4.27 -28.09 -0.63
C VAL A 427 -2.92 -27.65 -0.06
N PHE A 428 -2.55 -28.11 1.13
CA PHE A 428 -1.23 -27.77 1.68
C PHE A 428 -0.12 -28.57 1.05
N SER A 429 -0.42 -29.80 0.62
CA SER A 429 0.62 -30.69 0.11
C SER A 429 1.27 -30.13 -1.15
N ASN A 430 0.48 -29.59 -2.08
CA ASN A 430 1.05 -29.06 -3.31
C ASN A 430 1.83 -27.77 -3.04
N ALA A 431 1.26 -26.89 -2.22
CA ALA A 431 1.92 -25.63 -1.91
C ALA A 431 3.28 -25.86 -1.28
N ILE A 432 3.41 -26.89 -0.45
CA ILE A 432 4.73 -27.18 0.10
C ILE A 432 5.57 -28.08 -0.81
N ASP A 433 4.93 -28.80 -1.74
CA ASP A 433 5.68 -29.57 -2.72
C ASP A 433 6.45 -28.66 -3.66
N CYS A 434 5.95 -27.45 -3.88
CA CYS A 434 6.71 -26.48 -4.66
C CYS A 434 7.96 -25.99 -3.93
N LEU A 435 8.12 -26.30 -2.64
CA LEU A 435 9.11 -25.68 -1.78
C LEU A 435 10.38 -26.51 -1.59
N SER A 436 10.55 -27.60 -2.34
CA SER A 436 11.71 -28.48 -2.25
C SER A 436 11.77 -29.21 -0.91
N ASP A 437 12.63 -30.22 -0.82
CA ASP A 437 12.62 -31.11 0.34
C ASP A 437 13.21 -30.45 1.58
N GLU A 438 14.28 -29.67 1.43
CA GLU A 438 14.96 -29.10 2.58
C GLU A 438 14.08 -28.13 3.34
N ASP A 439 13.31 -27.30 2.63
CA ASP A 439 12.50 -26.28 3.27
C ASP A 439 11.21 -26.85 3.85
N LYS A 440 10.79 -28.04 3.44
CA LYS A 440 9.60 -28.66 4.02
C LYS A 440 9.80 -29.05 5.48
N LYS A 441 11.04 -29.07 5.97
CA LYS A 441 11.35 -29.41 7.34
C LYS A 441 11.51 -28.18 8.23
N LEU A 442 11.15 -27.01 7.72
CA LEU A 442 11.26 -25.79 8.50
C LEU A 442 10.32 -25.84 9.71
N PRO A 443 10.69 -25.20 10.81
CA PRO A 443 9.81 -25.22 12.01
C PRO A 443 8.43 -24.67 11.75
N GLN A 444 8.32 -23.62 10.93
CA GLN A 444 7.06 -22.90 10.80
C GLN A 444 6.00 -23.73 10.08
N VAL A 445 6.42 -24.52 9.08
CA VAL A 445 5.47 -25.35 8.34
C VAL A 445 4.82 -26.37 9.25
N GLU A 446 5.64 -27.09 10.02
CA GLU A 446 5.12 -28.08 10.95
C GLU A 446 4.41 -27.43 12.13
N HIS A 447 4.72 -26.17 12.43
CA HIS A 447 3.98 -25.46 13.46
C HIS A 447 2.58 -25.11 12.99
N VAL A 448 2.44 -24.71 11.73
CA VAL A 448 1.15 -24.21 11.25
C VAL A 448 0.22 -25.32 10.78
N LEU A 449 0.76 -26.46 10.32
CA LEU A 449 -0.12 -27.50 9.78
C LEU A 449 -1.20 -27.98 10.76
N PRO A 450 -0.90 -28.33 12.01
CA PRO A 450 -1.97 -28.77 12.92
C PRO A 450 -3.03 -27.70 13.17
N LEU A 451 -2.63 -26.43 13.22
CA LEU A 451 -3.60 -25.36 13.43
C LEU A 451 -4.57 -25.28 12.27
N LEU A 452 -4.07 -25.35 11.03
CA LEU A 452 -4.94 -25.38 9.87
C LEU A 452 -5.79 -26.65 9.85
N LYS A 453 -5.28 -27.74 10.42
CA LYS A 453 -6.09 -28.94 10.57
C LYS A 453 -7.30 -28.67 11.45
N ARG A 454 -7.10 -27.98 12.57
CA ARG A 454 -8.20 -27.79 13.51
C ARG A 454 -9.21 -26.78 13.00
N GLY A 455 -8.79 -25.81 12.20
CA GLY A 455 -9.71 -24.85 11.62
C GLY A 455 -9.38 -23.43 12.01
N ILE A 456 -8.16 -23.21 12.50
CA ILE A 456 -7.71 -21.90 12.94
C ILE A 456 -6.39 -21.59 12.24
N GLY A 457 -6.11 -20.29 12.08
CA GLY A 457 -4.89 -19.88 11.42
C GLY A 457 -4.53 -18.47 11.79
N ILE A 458 -3.26 -18.13 11.58
CA ILE A 458 -2.73 -16.83 11.89
C ILE A 458 -2.31 -16.14 10.61
N HIS A 459 -2.30 -14.81 10.64
CA HIS A 459 -1.95 -14.00 9.47
C HIS A 459 -1.29 -12.72 9.98
N HIS A 460 0.03 -12.69 9.97
CA HIS A 460 0.76 -11.49 10.38
C HIS A 460 2.01 -11.36 9.52
N GLY A 461 2.63 -10.19 9.59
CA GLY A 461 3.76 -9.87 8.74
C GLY A 461 5.07 -10.51 9.17
N GLY A 462 5.00 -11.57 9.95
CA GLY A 462 6.19 -12.29 10.36
C GLY A 462 6.25 -13.70 9.80
N LEU A 463 5.16 -14.13 9.16
CA LEU A 463 5.11 -15.46 8.58
C LEU A 463 5.90 -15.50 7.27
N LEU A 464 6.17 -16.72 6.82
CA LEU A 464 6.73 -16.89 5.49
C LEU A 464 5.70 -16.45 4.45
N PRO A 465 6.12 -15.74 3.40
CA PRO A 465 5.15 -15.24 2.42
C PRO A 465 4.41 -16.33 1.66
N ILE A 466 4.90 -17.57 1.68
CA ILE A 466 4.17 -18.65 1.03
C ILE A 466 3.08 -19.20 1.94
N LEU A 467 3.37 -19.33 3.25
CA LEU A 467 2.36 -19.79 4.19
C LEU A 467 1.24 -18.77 4.34
N LYS A 468 1.59 -17.49 4.29
CA LYS A 468 0.59 -16.42 4.36
C LYS A 468 -0.46 -16.60 3.28
N GLU A 469 -0.03 -16.73 2.03
CA GLU A 469 -0.98 -16.84 0.92
C GLU A 469 -1.63 -18.22 0.85
N THR A 470 -0.97 -19.26 1.37
CA THR A 470 -1.66 -20.54 1.55
C THR A 470 -2.84 -20.38 2.50
N ILE A 471 -2.63 -19.71 3.62
CA ILE A 471 -3.71 -19.48 4.58
C ILE A 471 -4.78 -18.58 3.97
N GLU A 472 -4.38 -17.61 3.15
CA GLU A 472 -5.35 -16.77 2.46
C GLU A 472 -6.24 -17.60 1.56
N ILE A 473 -5.65 -18.52 0.79
CA ILE A 473 -6.42 -19.42 -0.07
C ILE A 473 -7.36 -20.28 0.76
N LEU A 474 -6.86 -20.81 1.88
CA LEU A 474 -7.69 -21.68 2.72
C LEU A 474 -8.86 -20.92 3.32
N PHE A 475 -8.63 -19.68 3.77
CA PHE A 475 -9.72 -18.88 4.32
C PHE A 475 -10.74 -18.52 3.26
N SER A 476 -10.27 -18.21 2.04
CA SER A 476 -11.19 -17.93 0.95
C SER A 476 -12.04 -19.16 0.62
N GLU A 477 -11.43 -20.34 0.68
CA GLU A 477 -12.17 -21.57 0.41
C GLU A 477 -13.28 -21.80 1.43
N GLY A 478 -13.01 -21.56 2.71
CA GLY A 478 -14.01 -21.78 3.72
C GLY A 478 -13.63 -22.82 4.78
N LEU A 479 -12.39 -23.28 4.74
CA LEU A 479 -11.92 -24.29 5.69
C LEU A 479 -11.31 -23.70 6.95
N ILE A 480 -11.05 -22.39 6.97
CA ILE A 480 -10.57 -21.70 8.17
C ILE A 480 -11.75 -20.96 8.77
N LYS A 481 -12.07 -21.26 10.02
CA LYS A 481 -13.26 -20.73 10.66
C LYS A 481 -12.96 -19.77 11.80
N ALA A 482 -11.68 -19.56 12.15
CA ALA A 482 -11.32 -18.55 13.14
C ALA A 482 -9.90 -18.11 12.82
N LEU A 483 -9.78 -16.93 12.20
CA LEU A 483 -8.50 -16.38 11.81
C LEU A 483 -8.04 -15.35 12.84
N PHE A 484 -6.73 -15.29 13.07
CA PHE A 484 -6.12 -14.35 14.01
C PHE A 484 -5.13 -13.51 13.22
N ALA A 485 -5.58 -12.33 12.77
CA ALA A 485 -4.83 -11.52 11.83
C ALA A 485 -4.52 -10.15 12.41
N THR A 486 -3.55 -9.48 11.78
CA THR A 486 -3.15 -8.12 12.12
C THR A 486 -3.97 -7.12 11.31
N GLU A 487 -3.57 -5.85 11.38
CA GLU A 487 -4.34 -4.78 10.75
C GLU A 487 -4.42 -4.97 9.24
N THR A 488 -3.31 -5.32 8.60
CA THR A 488 -3.29 -5.39 7.14
C THR A 488 -3.70 -6.77 6.62
N PHE A 489 -4.86 -7.23 7.08
CA PHE A 489 -5.61 -8.28 6.41
C PHE A 489 -6.93 -7.78 5.86
N ALA A 490 -7.45 -6.68 6.38
CA ALA A 490 -8.70 -6.09 5.94
C ALA A 490 -8.47 -5.03 4.87
N MET A 491 -7.39 -4.27 4.98
CA MET A 491 -7.06 -3.26 3.99
C MET A 491 -6.52 -3.97 2.76
N GLY A 492 -7.32 -3.99 1.68
CA GLY A 492 -7.08 -4.91 0.59
C GLY A 492 -7.45 -6.32 1.02
N ILE A 493 -6.98 -7.28 0.22
CA ILE A 493 -7.20 -8.71 0.48
C ILE A 493 -8.70 -9.02 0.40
N ASN A 494 -9.09 -9.75 -0.64
CA ASN A 494 -10.50 -9.83 -1.05
C ASN A 494 -11.18 -11.07 -0.47
N MET A 495 -11.39 -11.04 0.85
CA MET A 495 -12.25 -12.03 1.50
C MET A 495 -12.87 -11.52 2.80
N PRO A 496 -14.20 -11.46 2.87
CA PRO A 496 -14.88 -11.05 4.10
C PRO A 496 -15.21 -12.24 5.00
N ALA A 497 -15.71 -11.92 6.19
CA ALA A 497 -16.15 -12.89 7.17
C ALA A 497 -17.53 -12.50 7.69
N ARG A 498 -18.06 -13.29 8.62
CA ARG A 498 -19.36 -13.00 9.21
C ARG A 498 -19.26 -12.19 10.49
N THR A 499 -18.21 -12.37 11.28
CA THR A 499 -18.03 -11.68 12.54
C THR A 499 -16.63 -11.09 12.61
N VAL A 500 -16.52 -9.90 13.19
CA VAL A 500 -15.23 -9.26 13.43
C VAL A 500 -15.12 -8.97 14.92
N LEU A 501 -13.99 -9.36 15.52
CA LEU A 501 -13.77 -9.24 16.95
C LEU A 501 -12.49 -8.46 17.19
N PHE A 502 -12.60 -7.34 17.89
CA PHE A 502 -11.45 -6.54 18.29
C PHE A 502 -11.03 -6.94 19.70
N THR A 503 -9.74 -7.25 19.87
CA THR A 503 -9.24 -7.62 21.18
C THR A 503 -8.73 -6.44 21.98
N ASN A 504 -8.21 -5.41 21.31
CA ASN A 504 -7.74 -4.20 21.96
C ASN A 504 -8.21 -3.01 21.15
N ALA A 505 -7.92 -1.81 21.65
CA ALA A 505 -8.22 -0.59 20.93
C ALA A 505 -7.03 0.34 20.76
N ARG A 506 -5.92 0.07 21.42
CA ARG A 506 -4.72 0.90 21.30
C ARG A 506 -3.72 0.22 20.37
N LYS A 507 -2.94 1.04 19.67
CA LYS A 507 -2.02 0.52 18.66
C LYS A 507 -0.82 1.45 18.52
N PHE A 508 0.33 0.85 18.26
CA PHE A 508 1.56 1.60 18.02
C PHE A 508 1.63 1.94 16.53
N ASP A 509 1.73 3.22 16.21
CA ASP A 509 1.71 3.66 14.82
C ASP A 509 3.10 3.77 14.20
N GLY A 510 4.10 4.08 15.01
CA GLY A 510 5.44 4.32 14.49
C GLY A 510 6.12 5.48 15.18
N LYS A 511 5.32 6.40 15.73
CA LYS A 511 5.84 7.55 16.46
C LYS A 511 5.32 7.68 17.88
N ASP A 512 4.17 7.07 18.19
CA ASP A 512 3.60 7.12 19.52
C ASP A 512 2.76 5.87 19.73
N PHE A 513 1.98 5.84 20.81
CA PHE A 513 1.07 4.74 21.09
C PHE A 513 -0.32 5.34 21.21
N ARG A 514 -1.23 4.88 20.34
CA ARG A 514 -2.38 5.69 19.95
C ARG A 514 -3.62 4.82 19.86
N TRP A 515 -4.79 5.44 20.01
CA TRP A 515 -6.06 4.73 19.90
C TRP A 515 -6.44 4.56 18.44
N ILE A 516 -7.23 3.51 18.15
CA ILE A 516 -7.71 3.33 16.79
C ILE A 516 -8.71 4.43 16.46
N SER A 517 -8.58 4.98 15.26
CA SER A 517 -9.48 6.04 14.81
C SER A 517 -10.79 5.45 14.31
N SER A 518 -11.73 6.33 13.97
CA SER A 518 -12.99 5.86 13.41
C SER A 518 -12.82 5.32 12.00
N GLY A 519 -11.86 5.86 11.25
CA GLY A 519 -11.59 5.32 9.93
C GLY A 519 -11.12 3.88 9.98
N GLU A 520 -10.18 3.60 10.89
CA GLU A 520 -9.70 2.24 11.05
C GLU A 520 -10.80 1.31 11.54
N TYR A 521 -11.63 1.80 12.48
CA TYR A 521 -12.74 0.99 12.97
C TYR A 521 -13.70 0.63 11.85
N ILE A 522 -14.04 1.61 11.00
CA ILE A 522 -14.95 1.34 9.89
C ILE A 522 -14.32 0.38 8.90
N GLN A 523 -13.04 0.59 8.59
CA GLN A 523 -12.34 -0.29 7.65
C GLN A 523 -12.36 -1.74 8.12
N MET A 524 -12.01 -1.98 9.39
CA MET A 524 -11.93 -3.35 9.88
C MET A 524 -13.32 -3.96 10.08
N SER A 525 -14.29 -3.16 10.51
CA SER A 525 -15.61 -3.68 10.79
C SER A 525 -16.43 -3.91 9.51
N GLY A 526 -16.07 -3.26 8.41
CA GLY A 526 -16.81 -3.49 7.18
C GLY A 526 -16.57 -4.84 6.55
N ARG A 527 -15.61 -5.62 7.05
CA ARG A 527 -15.37 -6.95 6.54
C ARG A 527 -16.37 -7.97 7.03
N ALA A 528 -17.27 -7.58 7.93
CA ALA A 528 -18.30 -8.47 8.46
C ALA A 528 -19.57 -8.32 7.63
N GLY A 529 -20.13 -9.45 7.21
CA GLY A 529 -21.33 -9.44 6.39
C GLY A 529 -21.06 -9.84 4.96
N ARG A 530 -21.59 -10.99 4.56
CA ARG A 530 -21.38 -11.52 3.21
C ARG A 530 -22.69 -11.45 2.44
N ARG A 531 -22.63 -10.89 1.23
CA ARG A 531 -23.84 -10.61 0.46
C ARG A 531 -24.58 -11.89 0.12
N GLY A 532 -25.78 -12.06 0.69
CA GLY A 532 -26.63 -13.19 0.42
C GLY A 532 -26.44 -14.38 1.33
N MET A 533 -25.24 -14.56 1.88
CA MET A 533 -25.01 -15.70 2.76
C MET A 533 -25.60 -15.50 4.15
N ASP A 534 -25.48 -14.29 4.72
CA ASP A 534 -25.98 -14.05 6.06
C ASP A 534 -26.83 -12.78 6.08
N ASP A 535 -27.74 -12.72 7.05
CA ASP A 535 -28.68 -11.60 7.14
C ASP A 535 -28.02 -10.33 7.65
N ARG A 536 -27.14 -10.44 8.64
CA ARG A 536 -26.52 -9.28 9.24
C ARG A 536 -25.11 -9.64 9.68
N GLY A 537 -24.27 -8.62 9.83
CA GLY A 537 -22.93 -8.77 10.33
C GLY A 537 -22.85 -8.44 11.81
N ILE A 538 -21.95 -9.10 12.51
CA ILE A 538 -21.79 -8.96 13.96
C ILE A 538 -20.40 -8.43 14.25
N VAL A 539 -20.32 -7.33 14.98
CA VAL A 539 -19.05 -6.72 15.37
C VAL A 539 -19.00 -6.67 16.89
N ILE A 540 -17.88 -7.08 17.46
CA ILE A 540 -17.67 -7.12 18.90
C ILE A 540 -16.45 -6.29 19.24
N LEU A 541 -16.57 -5.46 20.28
CA LEU A 541 -15.47 -4.63 20.75
C LEU A 541 -15.20 -4.92 22.22
N MET A 542 -13.92 -4.98 22.57
CA MET A 542 -13.48 -5.23 23.94
C MET A 542 -12.92 -3.96 24.54
N VAL A 543 -13.37 -3.63 25.75
CA VAL A 543 -12.85 -2.51 26.52
C VAL A 543 -12.39 -3.05 27.86
N ASP A 544 -11.18 -2.65 28.28
CA ASP A 544 -10.57 -3.34 29.41
C ASP A 544 -10.05 -2.42 30.51
N GLU A 545 -9.71 -1.18 30.19
CA GLU A 545 -8.97 -0.36 31.14
C GLU A 545 -9.41 1.09 31.01
N LYS A 546 -10.33 1.51 31.89
CA LYS A 546 -10.72 2.90 32.07
C LYS A 546 -10.99 3.59 30.73
N MET A 547 -11.99 3.06 30.02
CA MET A 547 -12.33 3.61 28.70
C MET A 547 -12.67 5.09 28.77
N SER A 548 -13.10 5.61 29.93
CA SER A 548 -13.32 7.05 30.08
C SER A 548 -14.22 7.57 28.97
N PRO A 549 -15.53 7.26 29.01
CA PRO A 549 -16.32 7.23 27.78
C PRO A 549 -16.57 8.59 27.16
N THR A 550 -15.48 9.32 26.92
CA THR A 550 -15.44 10.34 25.90
C THR A 550 -15.06 9.74 24.57
N ILE A 551 -14.23 8.69 24.60
CA ILE A 551 -13.86 7.91 23.43
C ILE A 551 -14.58 6.57 23.53
N GLY A 552 -14.93 6.03 22.37
CA GLY A 552 -15.84 4.90 22.32
C GLY A 552 -17.18 5.36 21.80
N LYS A 553 -17.61 6.55 22.24
CA LYS A 553 -18.69 7.24 21.55
C LYS A 553 -18.22 7.85 20.24
N GLN A 554 -16.98 8.33 20.21
CA GLN A 554 -16.43 8.90 18.97
C GLN A 554 -16.18 7.82 17.93
N LEU A 555 -15.66 6.66 18.37
CA LEU A 555 -15.32 5.60 17.42
C LEU A 555 -16.56 5.10 16.69
N LEU A 556 -17.67 4.93 17.40
CA LEU A 556 -18.85 4.30 16.83
C LEU A 556 -19.82 5.29 16.20
N LYS A 557 -19.47 6.58 16.17
CA LYS A 557 -20.38 7.58 15.61
C LYS A 557 -19.72 8.45 14.55
N GLY A 558 -18.40 8.66 14.66
CA GLY A 558 -17.73 9.61 13.81
C GLY A 558 -17.53 9.16 12.38
N SER A 559 -17.19 10.13 11.52
CA SER A 559 -16.79 9.83 10.15
C SER A 559 -15.37 9.32 10.15
N ALA A 560 -14.86 8.94 8.98
CA ALA A 560 -13.61 8.18 9.01
C ALA A 560 -12.38 9.07 9.14
N ASP A 561 -12.12 9.90 8.12
CA ASP A 561 -11.14 10.99 8.17
C ASP A 561 -11.16 11.76 6.85
N PRO A 562 -10.78 13.03 6.82
CA PRO A 562 -10.41 13.65 5.55
C PRO A 562 -9.06 13.14 5.10
N LEU A 563 -8.84 13.15 3.77
CA LEU A 563 -7.52 12.86 3.21
C LEU A 563 -6.79 14.16 2.95
N ASN A 564 -5.55 14.24 3.42
CA ASN A 564 -4.71 15.41 3.23
C ASN A 564 -3.41 15.02 2.56
N SER A 565 -2.87 15.95 1.77
CA SER A 565 -1.62 15.78 0.99
C SER A 565 -0.38 16.02 1.85
N ALA A 566 0.62 15.13 1.79
CA ALA A 566 1.86 15.38 2.51
C ALA A 566 2.93 15.96 1.60
N PHE A 567 3.25 15.28 0.51
CA PHE A 567 4.08 15.80 -0.58
C PHE A 567 5.34 16.51 -0.08
N HIS A 568 6.20 15.76 0.58
CA HIS A 568 7.48 16.37 0.92
C HIS A 568 8.46 16.25 -0.25
N LEU A 569 9.43 17.15 -0.27
CA LEU A 569 10.44 17.16 -1.32
C LEU A 569 11.47 16.06 -1.09
N THR A 570 11.93 15.46 -2.18
CA THR A 570 12.96 14.44 -2.12
C THR A 570 14.06 14.79 -3.12
N TYR A 571 15.26 14.26 -2.86
CA TYR A 571 16.38 14.52 -3.76
C TYR A 571 16.17 13.87 -5.12
N ASN A 572 15.50 12.72 -5.16
CA ASN A 572 15.24 12.07 -6.44
C ASN A 572 14.33 12.92 -7.32
N MET A 573 13.32 13.56 -6.71
CA MET A 573 12.46 14.48 -7.45
C MET A 573 13.28 15.55 -8.15
N VAL A 574 14.13 16.24 -7.39
CA VAL A 574 14.90 17.35 -7.95
C VAL A 574 15.87 16.85 -9.00
N LEU A 575 16.51 15.70 -8.75
CA LEU A 575 17.48 15.18 -9.70
C LEU A 575 16.81 14.79 -11.01
N ASN A 576 15.60 14.21 -10.94
CA ASN A 576 14.90 13.81 -12.15
C ASN A 576 14.37 15.03 -12.90
N LEU A 577 13.83 16.01 -12.19
CA LEU A 577 13.26 17.17 -12.86
C LEU A 577 14.31 18.13 -13.40
N LEU A 578 15.54 18.10 -12.89
CA LEU A 578 16.62 18.84 -13.53
C LEU A 578 17.15 18.15 -14.77
N ARG A 579 16.86 16.86 -14.95
CA ARG A 579 17.29 16.16 -16.16
C ARG A 579 16.35 16.45 -17.33
N VAL A 580 15.05 16.56 -17.07
CA VAL A 580 14.09 16.85 -18.12
C VAL A 580 14.21 18.31 -18.53
N GLU A 581 14.16 18.55 -19.84
CA GLU A 581 14.46 19.86 -20.40
C GLU A 581 13.29 20.84 -20.33
N GLU A 582 12.07 20.37 -20.07
CA GLU A 582 10.90 21.25 -20.16
C GLU A 582 10.04 21.20 -18.90
N ILE A 583 10.59 20.77 -17.78
CA ILE A 583 9.86 20.76 -16.52
C ILE A 583 10.85 21.00 -15.38
N ASN A 584 10.41 21.72 -14.37
CA ASN A 584 11.25 22.11 -13.25
C ASN A 584 10.56 21.75 -11.94
N PRO A 585 11.31 21.65 -10.84
CA PRO A 585 10.68 21.34 -9.55
C PRO A 585 9.62 22.33 -9.11
N GLU A 586 9.74 23.59 -9.52
CA GLU A 586 8.75 24.60 -9.14
C GLU A 586 7.37 24.25 -9.68
N TYR A 587 7.32 23.69 -10.89
CA TYR A 587 6.03 23.30 -11.48
C TYR A 587 5.35 22.23 -10.63
N MET A 588 6.12 21.20 -10.24
CA MET A 588 5.54 20.12 -9.46
C MET A 588 5.19 20.59 -8.05
N LEU A 589 5.92 21.57 -7.53
CA LEU A 589 5.55 22.18 -6.26
C LEU A 589 4.23 22.93 -6.38
N GLU A 590 4.05 23.69 -7.46
CA GLU A 590 2.85 24.51 -7.61
C GLU A 590 1.61 23.66 -7.88
N LYS A 591 1.76 22.58 -8.64
CA LYS A 591 0.62 21.79 -9.06
C LYS A 591 0.27 20.67 -8.07
N SER A 592 0.90 20.67 -6.89
CA SER A 592 0.64 19.63 -5.91
C SER A 592 -0.71 19.83 -5.23
N PHE A 593 -1.21 18.75 -4.62
CA PHE A 593 -2.46 18.82 -3.89
C PHE A 593 -2.29 19.57 -2.57
N TYR A 594 -1.07 19.59 -2.04
CA TYR A 594 -0.78 20.38 -0.84
C TYR A 594 -1.02 21.86 -1.10
N GLN A 595 -0.49 22.37 -2.21
CA GLN A 595 -0.71 23.76 -2.57
C GLN A 595 -2.17 24.02 -2.87
N PHE A 596 -2.83 23.08 -3.55
CA PHE A 596 -4.24 23.27 -3.87
C PHE A 596 -5.08 23.41 -2.61
N GLN A 597 -4.84 22.56 -1.61
CA GLN A 597 -5.55 22.72 -0.35
C GLN A 597 -5.12 23.95 0.43
N HIS A 598 -3.91 24.47 0.19
CA HIS A 598 -3.48 25.65 0.92
C HIS A 598 -3.83 26.95 0.21
N TYR A 599 -4.39 26.90 -0.98
CA TYR A 599 -5.03 28.06 -1.60
C TYR A 599 -6.52 28.14 -1.33
N ARG A 600 -7.10 27.16 -0.63
CA ARG A 600 -8.55 27.11 -0.51
C ARG A 600 -9.08 27.97 0.62
N ALA A 601 -8.27 28.27 1.64
CA ALA A 601 -8.75 29.11 2.73
C ALA A 601 -8.49 30.58 2.48
N ILE A 602 -8.94 31.07 1.33
CA ILE A 602 -9.11 32.50 1.09
C ILE A 602 -10.40 32.96 1.76
N PRO A 603 -11.52 32.21 1.67
CA PRO A 603 -12.72 32.61 2.44
C PRO A 603 -12.61 32.25 3.93
N GLY A 604 -11.93 33.12 4.68
CA GLY A 604 -11.67 32.86 6.07
C GLY A 604 -10.31 33.34 6.53
N VAL A 605 -9.47 33.74 5.58
CA VAL A 605 -8.24 34.46 5.92
C VAL A 605 -8.44 35.92 5.59
N VAL A 606 -9.21 36.20 4.54
CA VAL A 606 -9.58 37.58 4.21
C VAL A 606 -10.80 38.05 5.01
N GLU A 607 -11.61 37.12 5.53
CA GLU A 607 -12.87 37.44 6.18
C GLU A 607 -12.72 37.81 7.65
N LYS A 608 -11.51 38.15 8.09
CA LYS A 608 -11.29 38.55 9.49
C LYS A 608 -11.33 40.07 9.61
N VAL A 609 -12.51 40.64 9.33
CA VAL A 609 -12.77 42.07 9.44
C VAL A 609 -14.06 42.24 10.23
N LYS A 610 -13.92 42.49 11.53
CA LYS A 610 -15.08 42.61 12.41
C LYS A 610 -14.86 43.65 13.50
N ASP A 835 -4.06 42.96 18.46
CA ASP A 835 -5.33 42.25 18.37
C ASP A 835 -5.23 41.07 17.41
N ILE A 836 -6.38 40.46 17.08
CA ILE A 836 -6.39 39.37 16.11
C ILE A 836 -6.27 39.86 14.68
N LYS A 837 -6.35 41.17 14.45
CA LYS A 837 -6.23 41.71 13.10
C LYS A 837 -4.79 41.58 12.61
N SER A 838 -3.83 41.96 13.45
CA SER A 838 -2.42 41.73 13.14
C SER A 838 -2.17 40.27 12.76
N ALA A 839 -2.64 39.35 13.60
CA ALA A 839 -2.45 37.92 13.35
C ALA A 839 -3.02 37.51 12.01
N LYS A 840 -4.30 37.84 11.76
CA LYS A 840 -4.94 37.40 10.53
C LYS A 840 -4.29 38.03 9.31
N ARG A 841 -3.85 39.29 9.42
CA ARG A 841 -3.09 39.92 8.35
C ARG A 841 -1.82 39.15 8.05
N GLU A 842 -0.96 39.00 9.07
CA GLU A 842 0.27 38.22 8.94
C GLU A 842 0.01 36.88 8.24
N LEU A 843 -0.87 36.07 8.81
CA LEU A 843 -1.10 34.71 8.32
C LEU A 843 -1.35 34.68 6.81
N LYS A 844 -2.35 35.41 6.34
CA LYS A 844 -2.72 35.35 4.92
C LYS A 844 -1.63 35.92 4.04
N LYS A 845 -1.21 37.17 4.30
CA LYS A 845 -0.22 37.84 3.47
C LYS A 845 1.08 37.06 3.37
N ALA A 846 1.47 36.35 4.44
CA ALA A 846 2.81 35.78 4.53
C ALA A 846 3.07 34.78 3.41
N ARG A 847 2.28 33.70 3.35
CA ARG A 847 2.68 32.55 2.55
C ARG A 847 2.79 32.85 1.07
N THR A 848 4.02 32.83 0.57
CA THR A 848 4.33 32.79 -0.86
C THR A 848 5.40 31.78 -1.20
N VAL A 849 6.12 31.24 -0.21
CA VAL A 849 7.34 30.49 -0.38
C VAL A 849 7.16 29.07 0.15
N LEU A 850 5.93 28.55 0.06
CA LEU A 850 5.59 27.28 0.70
C LEU A 850 6.38 26.16 0.05
N GLN A 851 7.33 25.60 0.81
CA GLN A 851 8.26 24.57 0.34
C GLN A 851 9.15 25.08 -0.78
N MET A 852 9.46 26.37 -0.78
CA MET A 852 10.43 26.94 -1.71
C MET A 852 11.80 27.13 -1.07
N ASP A 853 11.84 27.52 0.21
CA ASP A 853 13.10 27.60 0.93
C ASP A 853 13.77 26.24 1.02
N GLU A 854 12.98 25.19 1.29
CA GLU A 854 13.51 23.84 1.31
C GLU A 854 14.09 23.46 -0.05
N LEU A 855 13.39 23.80 -1.13
CA LEU A 855 13.90 23.50 -2.47
C LEU A 855 15.21 24.22 -2.74
N LYS A 856 15.30 25.49 -2.34
CA LYS A 856 16.55 26.23 -2.51
C LYS A 856 17.68 25.57 -1.73
N CYS A 857 17.41 25.14 -0.50
CA CYS A 857 18.44 24.48 0.29
C CYS A 857 18.90 23.17 -0.35
N ARG A 858 17.95 22.38 -0.85
CA ARG A 858 18.30 21.12 -1.51
C ARG A 858 19.13 21.36 -2.75
N LYS A 859 18.76 22.35 -3.56
CA LYS A 859 19.55 22.69 -4.74
C LYS A 859 20.96 23.13 -4.34
N ARG A 860 21.07 23.91 -3.26
CA ARG A 860 22.37 24.36 -2.80
C ARG A 860 23.25 23.18 -2.40
N VAL A 861 22.68 22.23 -1.66
CA VAL A 861 23.42 21.03 -1.30
C VAL A 861 23.85 20.27 -2.55
N LEU A 862 22.95 20.14 -3.52
CA LEU A 862 23.25 19.37 -4.72
C LEU A 862 24.43 19.98 -5.49
N ARG A 863 24.43 21.30 -5.66
CA ARG A 863 25.54 21.89 -6.40
C ARG A 863 26.80 22.04 -5.54
N ARG A 864 26.67 21.99 -4.21
CA ARG A 864 27.87 21.94 -3.37
C ARG A 864 28.57 20.59 -3.49
N LEU A 865 27.81 19.50 -3.49
CA LEU A 865 28.42 18.17 -3.53
C LEU A 865 29.02 17.88 -4.90
N GLY A 866 28.30 18.19 -5.97
CA GLY A 866 28.81 17.96 -7.31
C GLY A 866 27.82 17.25 -8.22
N PHE A 867 26.59 17.09 -7.77
CA PHE A 867 25.57 16.45 -8.60
C PHE A 867 25.05 17.37 -9.68
N ALA A 868 25.10 18.68 -9.46
CA ALA A 868 24.68 19.67 -10.45
C ALA A 868 25.68 20.81 -10.47
N THR A 869 25.71 21.52 -11.59
CA THR A 869 26.62 22.64 -11.77
C THR A 869 26.04 23.89 -11.10
N SER A 870 26.84 24.97 -11.10
CA SER A 870 26.37 26.24 -10.57
C SER A 870 25.19 26.76 -11.37
N SER A 871 25.22 26.59 -12.69
CA SER A 871 24.14 26.98 -13.59
C SER A 871 22.92 26.08 -13.48
N ASP A 872 22.93 25.14 -12.53
CA ASP A 872 21.81 24.23 -12.27
C ASP A 872 21.47 23.39 -13.51
N VAL A 873 22.47 22.62 -13.94
CA VAL A 873 22.27 21.59 -14.97
C VAL A 873 22.92 20.31 -14.48
N ILE A 874 22.26 19.18 -14.73
CA ILE A 874 22.70 17.91 -14.18
C ILE A 874 24.06 17.52 -14.76
N GLU A 875 24.82 16.75 -13.99
CA GLU A 875 26.16 16.31 -14.35
C GLU A 875 26.18 14.79 -14.55
N MET A 876 27.37 14.27 -14.85
CA MET A 876 27.55 12.81 -14.90
C MET A 876 27.35 12.19 -13.53
N LYS A 877 27.72 12.89 -12.48
CA LYS A 877 27.58 12.37 -11.12
C LYS A 877 26.11 12.28 -10.70
N GLY A 878 25.27 13.16 -11.23
CA GLY A 878 23.87 13.17 -10.84
C GLY A 878 22.97 12.32 -11.72
N ARG A 879 23.45 11.92 -12.89
CA ARG A 879 22.74 10.97 -13.71
C ARG A 879 22.83 9.55 -13.17
N VAL A 880 23.89 9.23 -12.42
CA VAL A 880 23.97 7.95 -11.75
C VAL A 880 22.93 7.86 -10.64
N ALA A 881 22.79 8.94 -9.86
CA ALA A 881 21.83 8.95 -8.75
C ALA A 881 20.39 8.85 -9.23
N CYS A 882 20.12 9.22 -10.48
CA CYS A 882 18.77 9.12 -11.02
C CYS A 882 18.31 7.68 -11.20
N GLU A 883 19.25 6.73 -11.25
CA GLU A 883 18.94 5.33 -11.45
C GLU A 883 18.68 4.60 -10.13
N ILE A 884 18.85 5.27 -9.00
CA ILE A 884 18.64 4.67 -7.69
C ILE A 884 17.40 5.33 -7.08
N SER A 885 16.38 4.52 -6.78
CA SER A 885 15.16 5.04 -6.20
C SER A 885 14.63 4.16 -5.07
N SER A 886 15.48 3.33 -4.47
CA SER A 886 15.11 2.51 -3.32
C SER A 886 15.75 2.98 -2.03
N ALA A 887 16.99 3.43 -2.08
CA ALA A 887 17.75 3.85 -0.91
C ALA A 887 18.22 5.29 -1.08
N ASP A 888 19.01 5.75 -0.12
CA ASP A 888 19.59 7.10 -0.16
C ASP A 888 20.62 7.16 -1.29
N GLU A 889 20.27 7.84 -2.38
CA GLU A 889 21.10 7.83 -3.57
C GLU A 889 22.33 8.71 -3.45
N LEU A 890 22.27 9.78 -2.65
CA LEU A 890 23.44 10.66 -2.50
C LEU A 890 24.62 9.90 -1.92
N LEU A 891 24.41 9.21 -0.81
CA LEU A 891 25.50 8.49 -0.15
C LEU A 891 25.96 7.31 -0.98
N LEU A 892 25.04 6.62 -1.65
CA LEU A 892 25.42 5.50 -2.51
C LEU A 892 26.30 5.97 -3.67
N THR A 893 25.91 7.08 -4.31
CA THR A 893 26.74 7.63 -5.39
C THR A 893 28.07 8.15 -4.85
N GLU A 894 28.09 8.67 -3.63
CA GLU A 894 29.35 9.06 -3.00
C GLU A 894 30.27 7.85 -2.85
N MET A 895 29.72 6.72 -2.42
CA MET A 895 30.51 5.48 -2.42
C MET A 895 31.00 5.15 -3.82
N MET A 896 30.10 5.21 -4.80
CA MET A 896 30.43 4.80 -6.16
C MET A 896 31.61 5.60 -6.70
N PHE A 897 31.65 6.89 -6.38
CA PHE A 897 32.68 7.76 -6.94
C PHE A 897 33.95 7.82 -6.09
N ASN A 898 33.82 7.72 -4.77
CA ASN A 898 35.01 7.78 -3.92
C ASN A 898 35.89 6.55 -4.09
N GLY A 899 35.29 5.39 -4.34
CA GLY A 899 36.08 4.18 -4.48
C GLY A 899 35.95 3.23 -3.31
N LEU A 900 34.74 3.18 -2.74
CA LEU A 900 34.49 2.30 -1.60
C LEU A 900 34.01 0.92 -2.01
N PHE A 901 33.29 0.81 -3.11
CA PHE A 901 32.71 -0.46 -3.51
C PHE A 901 33.67 -1.35 -4.30
N ASN A 902 34.83 -0.83 -4.70
CA ASN A 902 35.87 -1.66 -5.31
C ASN A 902 36.91 -2.00 -4.26
N ASP A 903 37.69 -3.05 -4.55
CA ASP A 903 38.57 -3.73 -3.61
C ASP A 903 37.79 -4.46 -2.53
N LEU A 904 36.47 -4.63 -2.72
CA LEU A 904 35.62 -5.43 -1.86
C LEU A 904 35.16 -6.67 -2.60
N SER A 905 34.80 -7.70 -1.85
CA SER A 905 34.23 -8.89 -2.45
C SER A 905 32.75 -8.65 -2.78
N ALA A 906 32.14 -9.64 -3.43
CA ALA A 906 30.71 -9.53 -3.73
C ALA A 906 29.87 -9.80 -2.49
N GLU A 907 30.28 -10.77 -1.67
CA GLU A 907 29.52 -11.10 -0.47
C GLU A 907 29.55 -9.95 0.53
N GLN A 908 30.74 -9.39 0.78
CA GLN A 908 30.86 -8.29 1.72
C GLN A 908 30.44 -6.95 1.13
N ALA A 909 30.11 -6.91 -0.16
CA ALA A 909 29.45 -5.73 -0.72
C ALA A 909 27.94 -5.84 -0.61
N THR A 910 27.39 -7.02 -0.87
CA THR A 910 25.94 -7.18 -0.72
C THR A 910 25.53 -7.24 0.74
N ALA A 911 26.45 -7.59 1.65
CA ALA A 911 26.17 -7.46 3.07
C ALA A 911 26.19 -6.00 3.50
N LEU A 912 27.10 -5.22 2.94
CA LEU A 912 27.14 -3.79 3.25
C LEU A 912 25.90 -3.08 2.74
N LEU A 913 25.41 -3.48 1.56
CA LEU A 913 24.22 -2.86 1.00
C LEU A 913 22.95 -3.20 1.77
N SER A 914 22.99 -4.19 2.67
CA SER A 914 21.81 -4.53 3.45
C SER A 914 21.45 -3.45 4.46
N CYS A 915 22.39 -2.56 4.80
CA CYS A 915 22.11 -1.49 5.74
C CYS A 915 21.14 -0.45 5.17
N PHE A 916 20.91 -0.47 3.86
CA PHE A 916 20.09 0.55 3.22
C PHE A 916 18.66 0.11 2.98
N VAL A 917 18.33 -1.16 3.23
CA VAL A 917 16.97 -1.66 3.04
C VAL A 917 16.35 -2.19 4.33
N PHE A 918 17.10 -2.27 5.41
CA PHE A 918 16.58 -2.73 6.70
C PHE A 918 16.42 -1.52 7.62
N GLN A 919 15.19 -1.31 8.12
CA GLN A 919 14.88 -0.13 8.90
C GLN A 919 14.17 -0.45 10.21
N GLU A 920 14.04 -1.73 10.57
CA GLU A 920 13.46 -2.10 11.85
C GLU A 920 14.56 -2.22 12.90
N ASN A 921 14.15 -2.12 14.16
CA ASN A 921 15.09 -2.19 15.27
C ASN A 921 15.04 -3.57 15.93
N SER A 922 16.19 -3.99 16.45
CA SER A 922 16.33 -5.26 17.15
C SER A 922 16.87 -5.01 18.56
N SER A 923 16.63 -5.99 19.43
CA SER A 923 17.03 -5.84 20.83
C SER A 923 18.54 -5.74 20.99
N GLU A 924 19.30 -6.51 20.21
CA GLU A 924 20.73 -6.67 20.43
C GLU A 924 21.52 -6.28 19.19
N MET A 925 22.74 -5.78 19.42
CA MET A 925 23.67 -5.42 18.37
C MET A 925 24.65 -6.57 18.17
N PRO A 926 24.60 -7.29 17.04
CA PRO A 926 25.56 -8.36 16.81
C PRO A 926 26.99 -7.84 16.73
N LYS A 927 27.94 -8.76 16.78
CA LYS A 927 29.36 -8.43 16.69
C LYS A 927 29.86 -8.78 15.29
N LEU A 928 30.60 -7.86 14.68
CA LEU A 928 31.07 -8.00 13.32
C LEU A 928 32.58 -8.17 13.29
N THR A 929 33.06 -9.00 12.38
CA THR A 929 34.48 -9.18 12.17
C THR A 929 35.07 -7.93 11.50
N GLU A 930 36.41 -7.88 11.46
CA GLU A 930 37.09 -6.73 10.88
C GLU A 930 36.75 -6.58 9.39
N GLN A 931 36.73 -7.68 8.66
CA GLN A 931 36.38 -7.68 7.25
C GLN A 931 34.89 -7.44 7.03
N LEU A 932 34.13 -7.25 8.11
CA LEU A 932 32.72 -6.90 8.02
C LEU A 932 32.41 -5.64 8.83
N ALA A 933 33.41 -5.04 9.47
CA ALA A 933 33.24 -3.77 10.16
C ALA A 933 34.04 -2.63 9.56
N GLY A 934 35.04 -2.91 8.72
CA GLY A 934 35.75 -1.88 8.01
C GLY A 934 34.87 -1.12 7.03
N PRO A 935 34.20 -1.84 6.14
CA PRO A 935 33.25 -1.18 5.24
C PRO A 935 32.14 -0.45 5.97
N LEU A 936 31.69 -0.97 7.11
CA LEU A 936 30.68 -0.26 7.89
C LEU A 936 31.22 1.07 8.40
N ARG A 937 32.47 1.09 8.86
CA ARG A 937 33.05 2.33 9.37
C ARG A 937 33.30 3.33 8.25
N GLN A 938 33.59 2.84 7.04
CA GLN A 938 33.75 3.75 5.92
C GLN A 938 32.41 4.31 5.46
N MET A 939 31.37 3.47 5.49
CA MET A 939 30.00 3.95 5.30
C MET A 939 29.67 5.06 6.28
N GLN A 940 29.99 4.86 7.55
CA GLN A 940 29.64 5.86 8.56
C GLN A 940 30.43 7.14 8.37
N GLU A 941 31.68 7.04 7.94
CA GLU A 941 32.45 8.26 7.67
C GLU A 941 31.87 9.03 6.48
N CYS A 942 31.48 8.32 5.42
CA CYS A 942 30.85 9.00 4.29
C CYS A 942 29.52 9.63 4.70
N ALA A 943 28.76 8.94 5.56
CA ALA A 943 27.51 9.51 6.05
C ALA A 943 27.75 10.79 6.84
N LYS A 944 28.79 10.80 7.68
CA LYS A 944 29.11 11.99 8.45
C LYS A 944 29.52 13.15 7.53
N ARG A 945 30.33 12.85 6.52
CA ARG A 945 30.74 13.90 5.59
C ARG A 945 29.55 14.45 4.81
N ILE A 946 28.60 13.57 4.43
CA ILE A 946 27.39 14.03 3.77
C ILE A 946 26.59 14.94 4.69
N ALA A 947 26.40 14.50 5.95
CA ALA A 947 25.54 15.23 6.87
C ALA A 947 26.12 16.59 7.23
N LYS A 948 27.44 16.69 7.34
CA LYS A 948 28.05 17.98 7.68
C LYS A 948 27.73 19.03 6.63
N VAL A 949 27.89 18.69 5.35
CA VAL A 949 27.59 19.63 4.28
C VAL A 949 26.09 19.86 4.19
N SER A 950 25.29 18.83 4.42
CA SER A 950 23.84 18.99 4.34
C SER A 950 23.31 19.88 5.46
N ALA A 951 24.03 19.96 6.58
CA ALA A 951 23.57 20.76 7.71
C ALA A 951 24.26 22.11 7.81
N GLU A 952 25.33 22.35 7.06
CA GLU A 952 25.88 23.68 6.95
C GLU A 952 25.19 24.51 5.87
N ALA A 953 24.15 23.95 5.24
CA ALA A 953 23.39 24.64 4.20
C ALA A 953 21.94 24.84 4.63
N LYS A 954 21.71 25.07 5.92
CA LYS A 954 20.44 25.47 6.51
C LYS A 954 19.38 24.37 6.49
N LEU A 955 19.73 23.15 6.11
CA LEU A 955 18.79 22.04 6.21
C LEU A 955 18.78 21.50 7.64
N GLU A 956 17.58 21.19 8.12
CA GLU A 956 17.38 20.78 9.52
C GLU A 956 17.52 19.26 9.63
N ILE A 957 18.77 18.82 9.71
CA ILE A 957 19.09 17.41 9.92
C ILE A 957 19.99 17.30 11.14
N ASP A 958 19.68 16.35 12.03
CA ASP A 958 20.52 16.03 13.18
C ASP A 958 21.38 14.83 12.83
N GLU A 959 22.69 14.95 13.04
CA GLU A 959 23.60 13.86 12.70
C GLU A 959 23.69 12.85 13.84
N GLU A 960 22.53 12.37 14.29
CA GLU A 960 22.46 11.13 15.05
C GLU A 960 21.49 10.14 14.44
N THR A 961 20.35 10.62 13.94
CA THR A 961 19.37 9.74 13.31
C THR A 961 19.80 9.35 11.91
N TYR A 962 20.58 10.20 11.24
CA TYR A 962 21.09 9.85 9.92
C TYR A 962 21.99 8.63 9.99
N LEU A 963 22.93 8.62 10.94
CA LEU A 963 23.79 7.46 11.11
C LEU A 963 23.06 6.31 11.80
N SER A 964 22.06 6.60 12.62
CA SER A 964 21.27 5.54 13.22
C SER A 964 20.22 4.96 12.29
N SER A 965 20.00 5.60 11.13
CA SER A 965 19.02 5.07 10.17
C SER A 965 19.56 3.85 9.43
N PHE A 966 20.88 3.80 9.21
CA PHE A 966 21.52 2.66 8.56
C PHE A 966 21.86 1.63 9.63
N LYS A 967 21.09 0.55 9.68
CA LYS A 967 21.17 -0.41 10.77
C LYS A 967 21.84 -1.68 10.29
N PRO A 968 23.07 -1.98 10.72
CA PRO A 968 23.76 -3.21 10.32
C PRO A 968 23.39 -4.41 11.19
N HIS A 969 22.09 -4.63 11.36
CA HIS A 969 21.58 -5.71 12.19
C HIS A 969 21.47 -7.03 11.45
N LEU A 970 21.57 -7.02 10.13
CA LEU A 970 21.44 -8.22 9.31
C LEU A 970 22.65 -8.43 8.41
N MET A 971 23.77 -7.77 8.69
CA MET A 971 24.91 -7.82 7.79
C MET A 971 25.57 -9.19 7.81
N ASP A 972 25.64 -9.82 8.99
CA ASP A 972 26.20 -11.16 9.06
C ASP A 972 25.21 -12.19 8.56
N VAL A 973 23.91 -11.95 8.71
CA VAL A 973 22.92 -12.83 8.10
C VAL A 973 23.06 -12.82 6.58
N VAL A 974 23.16 -11.63 5.99
CA VAL A 974 23.32 -11.54 4.54
C VAL A 974 24.62 -12.19 4.11
N TYR A 975 25.71 -11.93 4.83
CA TYR A 975 26.99 -12.53 4.47
C TYR A 975 26.94 -14.04 4.51
N THR A 976 26.34 -14.61 5.56
CA THR A 976 26.21 -16.06 5.65
C THR A 976 25.32 -16.61 4.54
N TRP A 977 24.22 -15.91 4.25
CA TRP A 977 23.31 -16.40 3.21
C TRP A 977 23.99 -16.46 1.85
N ALA A 978 24.78 -15.44 1.51
CA ALA A 978 25.50 -15.51 0.25
C ALA A 978 26.83 -16.22 0.41
N THR A 979 26.80 -17.40 1.00
CA THR A 979 27.94 -18.30 1.02
C THR A 979 27.57 -19.75 0.75
N GLY A 980 26.29 -20.06 0.57
CA GLY A 980 25.83 -21.43 0.44
C GLY A 980 25.09 -21.97 1.64
N ALA A 981 24.72 -21.14 2.60
CA ALA A 981 24.06 -21.60 3.82
C ALA A 981 22.61 -21.97 3.54
N THR A 982 21.97 -22.58 4.54
CA THR A 982 20.57 -22.96 4.49
C THR A 982 19.73 -21.94 5.24
N PHE A 983 18.46 -21.83 4.82
CA PHE A 983 17.55 -20.90 5.49
C PHE A 983 17.34 -21.29 6.94
N ALA A 984 17.23 -22.60 7.22
CA ALA A 984 17.08 -23.05 8.60
C ALA A 984 18.32 -22.73 9.41
N HIS A 985 19.51 -22.92 8.82
CA HIS A 985 20.75 -22.61 9.51
C HIS A 985 20.87 -21.14 9.86
N ILE A 986 20.19 -20.27 9.11
CA ILE A 986 20.48 -18.84 9.21
C ILE A 986 19.44 -18.07 9.98
N CYS A 987 18.21 -18.57 10.08
CA CYS A 987 17.25 -17.93 10.98
C CYS A 987 17.34 -18.52 12.38
N LYS A 988 18.56 -18.56 12.90
CA LYS A 988 18.82 -18.77 14.31
C LYS A 988 19.92 -17.85 14.83
N MET A 989 20.45 -16.94 14.00
CA MET A 989 21.52 -16.05 14.38
C MET A 989 21.01 -14.69 14.85
N THR A 990 19.71 -14.43 14.75
CA THR A 990 19.14 -13.18 15.19
C THR A 990 17.70 -13.42 15.62
N ASP A 991 17.22 -12.55 16.50
CA ASP A 991 15.84 -12.62 16.98
C ASP A 991 14.92 -11.76 16.11
N VAL A 992 14.96 -12.00 14.81
CA VAL A 992 14.14 -11.30 13.83
C VAL A 992 13.29 -12.33 13.11
N PHE A 993 12.01 -12.01 12.95
CA PHE A 993 11.09 -12.94 12.28
C PHE A 993 11.59 -13.27 10.88
N GLU A 994 11.25 -14.47 10.42
CA GLU A 994 11.69 -14.93 9.10
C GLU A 994 11.13 -14.05 8.00
N GLY A 995 9.87 -13.63 8.13
CA GLY A 995 9.28 -12.76 7.12
C GLY A 995 10.01 -11.45 6.95
N SER A 996 10.50 -10.89 8.06
CA SER A 996 11.27 -9.66 7.98
C SER A 996 12.58 -9.87 7.23
N ILE A 997 13.24 -11.00 7.46
CA ILE A 997 14.47 -11.30 6.74
C ILE A 997 14.19 -11.48 5.25
N ILE A 998 13.11 -12.18 4.92
CA ILE A 998 12.76 -12.38 3.51
C ILE A 998 12.46 -11.05 2.83
N ARG A 999 11.72 -10.17 3.52
CA ARG A 999 11.42 -8.86 2.96
C ARG A 999 12.69 -8.05 2.75
N CYS A 1000 13.61 -8.09 3.72
CA CYS A 1000 14.87 -7.36 3.57
C CYS A 1000 15.67 -7.88 2.39
N MET A 1001 15.71 -9.20 2.20
CA MET A 1001 16.47 -9.75 1.08
C MET A 1001 15.83 -9.40 -0.25
N ARG A 1002 14.50 -9.42 -0.34
CA ARG A 1002 13.86 -9.00 -1.59
C ARG A 1002 14.14 -7.54 -1.91
N ARG A 1003 14.10 -6.67 -0.90
CA ARG A 1003 14.43 -5.27 -1.13
C ARG A 1003 15.89 -5.11 -1.53
N LEU A 1004 16.77 -5.95 -0.97
CA LEU A 1004 18.19 -5.85 -1.32
C LEU A 1004 18.45 -6.36 -2.74
N GLU A 1005 17.69 -7.37 -3.18
CA GLU A 1005 17.79 -7.80 -4.57
C GLU A 1005 17.35 -6.69 -5.51
N GLU A 1006 16.27 -5.99 -5.17
CA GLU A 1006 15.84 -4.86 -5.98
C GLU A 1006 16.90 -3.76 -6.02
N LEU A 1007 17.49 -3.45 -4.86
CA LEU A 1007 18.53 -2.43 -4.81
C LEU A 1007 19.75 -2.84 -5.60
N LEU A 1008 20.12 -4.13 -5.55
CA LEU A 1008 21.22 -4.63 -6.36
C LEU A 1008 20.92 -4.49 -7.85
N ARG A 1009 19.68 -4.78 -8.24
CA ARG A 1009 19.29 -4.59 -9.64
C ARG A 1009 19.48 -3.14 -10.06
N GLN A 1010 19.07 -2.19 -9.22
CA GLN A 1010 19.24 -0.78 -9.58
C GLN A 1010 20.72 -0.37 -9.54
N MET A 1011 21.52 -1.01 -8.68
CA MET A 1011 22.93 -0.67 -8.63
C MET A 1011 23.68 -1.21 -9.82
N CYS A 1012 23.17 -2.30 -10.41
CA CYS A 1012 23.76 -2.81 -11.65
C CYS A 1012 23.70 -1.76 -12.76
N GLN A 1013 22.50 -1.35 -13.15
CA GLN A 1013 22.39 -0.22 -14.07
C GLN A 1013 22.25 1.10 -13.33
N ALA A 1014 23.17 1.29 -12.38
CA ALA A 1014 23.62 2.61 -11.95
C ALA A 1014 25.14 2.64 -12.05
N ALA A 1015 25.76 1.47 -11.87
CA ALA A 1015 27.17 1.31 -12.18
C ALA A 1015 27.41 1.28 -13.68
N LYS A 1016 26.45 0.77 -14.45
CA LYS A 1016 26.60 0.84 -15.90
C LYS A 1016 26.10 2.20 -16.38
N ALA A 1017 26.64 3.25 -15.80
CA ALA A 1017 26.48 4.62 -16.27
C ALA A 1017 27.81 5.31 -16.48
N ILE A 1018 28.80 5.02 -15.66
CA ILE A 1018 30.11 5.66 -15.72
C ILE A 1018 31.15 4.75 -16.37
N GLY A 1019 30.71 3.75 -17.13
CA GLY A 1019 31.63 2.84 -17.78
C GLY A 1019 32.42 1.99 -16.82
N ASN A 1020 31.81 1.55 -15.73
CA ASN A 1020 32.45 0.67 -14.77
C ASN A 1020 32.03 -0.76 -15.08
N THR A 1021 33.00 -1.60 -15.44
CA THR A 1021 32.73 -2.98 -15.82
C THR A 1021 33.20 -4.00 -14.79
N GLU A 1022 34.29 -3.71 -14.09
CA GLU A 1022 34.71 -4.59 -13.01
C GLU A 1022 33.71 -4.57 -11.85
N LEU A 1023 33.06 -3.43 -11.64
CA LEU A 1023 32.10 -3.30 -10.54
C LEU A 1023 30.69 -3.67 -10.95
N GLU A 1024 30.35 -3.55 -12.23
CA GLU A 1024 28.99 -3.85 -12.68
C GLU A 1024 28.64 -5.31 -12.48
N ASN A 1025 29.56 -6.21 -12.81
CA ASN A 1025 29.27 -7.64 -12.73
C ASN A 1025 29.44 -8.20 -11.33
N LYS A 1026 30.09 -7.47 -10.42
CA LYS A 1026 30.13 -7.89 -9.02
C LYS A 1026 28.74 -7.83 -8.39
N PHE A 1027 27.97 -6.79 -8.72
CA PHE A 1027 26.60 -6.72 -8.25
C PHE A 1027 25.75 -7.83 -8.86
N ALA A 1028 25.99 -8.16 -10.12
CA ALA A 1028 25.26 -9.27 -10.74
C ALA A 1028 25.59 -10.59 -10.08
N GLU A 1029 26.86 -10.81 -9.73
CA GLU A 1029 27.24 -12.03 -9.01
C GLU A 1029 26.56 -12.09 -7.65
N GLY A 1030 26.51 -10.96 -6.96
CA GLY A 1030 25.79 -10.91 -5.69
C GLY A 1030 24.31 -11.18 -5.85
N ILE A 1031 23.73 -10.72 -6.96
CA ILE A 1031 22.34 -11.05 -7.26
C ILE A 1031 22.18 -12.55 -7.45
N THR A 1032 23.11 -13.15 -8.19
CA THR A 1032 23.00 -14.58 -8.49
C THR A 1032 23.04 -15.41 -7.21
N LYS A 1033 23.96 -15.10 -6.31
CA LYS A 1033 24.00 -15.87 -5.07
C LYS A 1033 23.16 -15.23 -3.96
N ILE A 1034 21.90 -14.90 -4.25
CA ILE A 1034 20.91 -14.64 -3.22
C ILE A 1034 19.69 -15.51 -3.42
N LYS A 1035 19.13 -15.47 -4.64
CA LYS A 1035 17.81 -16.03 -4.96
C LYS A 1035 17.92 -17.53 -5.20
N ARG A 1036 18.03 -18.30 -4.11
CA ARG A 1036 18.30 -19.72 -4.31
C ARG A 1036 17.17 -20.65 -3.90
N ASP A 1037 16.71 -20.63 -2.64
CA ASP A 1037 15.77 -21.68 -2.25
C ASP A 1037 14.38 -21.19 -1.86
N ILE A 1038 14.26 -20.32 -0.86
CA ILE A 1038 12.94 -20.00 -0.32
C ILE A 1038 12.63 -18.51 -0.26
N VAL A 1039 13.65 -17.64 -0.25
CA VAL A 1039 13.37 -16.21 -0.17
C VAL A 1039 12.64 -15.75 -1.43
N PHE A 1040 13.00 -16.33 -2.57
CA PHE A 1040 12.39 -16.02 -3.86
C PHE A 1040 11.67 -17.27 -4.34
N ALA A 1041 10.35 -17.28 -4.23
CA ALA A 1041 9.55 -18.44 -4.60
C ALA A 1041 8.33 -17.97 -5.38
N ALA A 1042 7.83 -18.87 -6.24
CA ALA A 1042 6.69 -18.53 -7.08
C ALA A 1042 5.47 -18.24 -6.23
N SER A 1043 4.76 -17.17 -6.56
CA SER A 1043 3.56 -16.80 -5.83
C SER A 1043 2.43 -17.78 -6.13
N LEU A 1044 1.58 -18.01 -5.13
CA LEU A 1044 0.44 -18.89 -5.31
C LEU A 1044 -0.63 -18.29 -6.21
N TYR A 1045 -0.64 -16.97 -6.36
CA TYR A 1045 -1.59 -16.28 -7.21
C TYR A 1045 -1.03 -15.97 -8.59
N LEU A 1046 0.16 -16.47 -8.90
CA LEU A 1046 0.89 -16.04 -10.08
C LEU A 1046 1.29 -17.22 -10.95
N PRO C 661 1.65 21.67 -20.98
CA PRO C 661 2.41 21.56 -19.73
C PRO C 661 3.36 20.36 -19.73
N ILE C 662 2.80 19.15 -19.75
CA ILE C 662 3.60 17.93 -19.78
C ILE C 662 4.20 17.79 -21.18
N PRO C 663 5.52 17.72 -21.30
CA PRO C 663 6.16 17.59 -22.61
C PRO C 663 6.13 16.12 -23.08
N ASP C 664 6.62 15.91 -24.28
CA ASP C 664 6.61 14.58 -24.88
C ASP C 664 7.63 13.67 -24.21
N MET C 665 7.37 12.37 -24.29
CA MET C 665 8.24 11.37 -23.69
C MET C 665 9.60 11.27 -24.37
N SER C 666 9.74 11.83 -25.57
CA SER C 666 11.04 11.81 -26.24
C SER C 666 12.08 12.58 -25.44
N LYS C 667 11.70 13.72 -24.87
CA LYS C 667 12.62 14.47 -24.04
C LYS C 667 12.81 13.82 -22.68
N PHE C 668 11.80 13.08 -22.19
CA PHE C 668 11.97 12.32 -20.96
C PHE C 668 12.96 11.18 -21.14
N ALA C 669 13.02 10.58 -22.33
CA ALA C 669 13.89 9.43 -22.57
C ALA C 669 15.36 9.82 -22.49
N THR C 670 15.70 11.02 -22.94
CA THR C 670 17.09 11.44 -22.99
C THR C 670 17.65 11.60 -21.58
N GLY C 671 18.92 11.22 -21.41
CA GLY C 671 19.60 11.37 -20.15
C GLY C 671 19.44 10.23 -19.17
N ILE C 672 18.75 9.16 -19.54
CA ILE C 672 18.53 8.03 -18.64
C ILE C 672 18.29 6.78 -19.46
N THR C 673 18.63 5.64 -18.88
CA THR C 673 18.44 4.37 -19.55
C THR C 673 16.95 4.05 -19.68
N PRO C 674 16.55 3.26 -20.68
CA PRO C 674 15.14 2.93 -20.86
C PRO C 674 14.63 1.98 -19.79
N PHE C 675 13.35 1.58 -19.89
CA PHE C 675 12.71 0.71 -18.92
C PHE C 675 12.63 -0.69 -19.51
N GLU C 676 13.19 -1.66 -18.80
CA GLU C 676 13.30 -3.04 -19.26
C GLU C 676 12.42 -3.96 -18.42
N PHE C 677 11.99 -5.06 -19.04
CA PHE C 677 11.11 -6.02 -18.38
C PHE C 677 11.93 -7.03 -17.59
N GLU C 678 12.56 -6.51 -16.53
CA GLU C 678 13.41 -7.32 -15.67
C GLU C 678 12.62 -8.42 -15.00
N ASN C 679 13.21 -9.62 -14.95
CA ASN C 679 12.62 -10.79 -14.30
C ASN C 679 11.28 -11.17 -14.92
N MET C 680 11.32 -11.46 -16.22
CA MET C 680 10.13 -11.93 -16.92
C MET C 680 9.78 -13.34 -16.47
N ALA C 681 8.49 -13.60 -16.29
CA ALA C 681 8.01 -14.86 -15.73
C ALA C 681 6.71 -15.25 -16.40
N GLU C 682 6.36 -16.52 -16.28
CA GLU C 682 5.17 -17.07 -16.91
C GLU C 682 4.41 -17.94 -15.92
N SER C 683 3.11 -18.08 -16.17
CA SER C 683 2.22 -18.80 -15.27
C SER C 683 2.59 -20.29 -15.24
N THR C 684 2.95 -20.78 -14.05
CA THR C 684 3.29 -22.19 -13.89
C THR C 684 2.08 -23.10 -13.85
N GLY C 685 0.87 -22.54 -13.66
CA GLY C 685 -0.32 -23.35 -13.61
C GLY C 685 -0.61 -24.01 -12.28
N MET C 686 0.19 -23.73 -11.25
CA MET C 686 -0.04 -24.33 -9.94
C MET C 686 -1.38 -23.88 -9.36
N TYR C 687 -1.76 -22.62 -9.56
CA TYR C 687 -3.03 -22.12 -9.06
C TYR C 687 -4.20 -22.87 -9.68
N LEU C 688 -4.14 -23.11 -11.00
CA LEU C 688 -5.17 -23.91 -11.64
C LEU C 688 -5.18 -25.34 -11.13
N ARG C 689 -3.99 -25.89 -10.83
CA ARG C 689 -3.93 -27.24 -10.27
C ARG C 689 -4.62 -27.31 -8.91
N ILE C 690 -4.40 -26.29 -8.06
CA ILE C 690 -5.08 -26.27 -6.76
C ILE C 690 -6.58 -26.09 -6.95
N ARG C 691 -6.98 -25.17 -7.82
CA ARG C 691 -8.41 -24.93 -8.05
C ARG C 691 -9.12 -26.16 -8.61
N SER C 692 -8.39 -26.99 -9.36
CA SER C 692 -8.98 -28.20 -9.92
C SER C 692 -9.45 -29.15 -8.83
N LEU C 693 -8.78 -29.16 -7.69
CA LEU C 693 -9.16 -30.03 -6.58
C LEU C 693 -10.25 -29.43 -5.71
N LEU C 694 -10.58 -28.16 -5.89
CA LEU C 694 -11.53 -27.46 -5.03
C LEU C 694 -12.94 -27.69 -5.60
N LYS C 695 -13.47 -28.87 -5.32
CA LYS C 695 -14.74 -29.30 -5.90
C LYS C 695 -15.91 -29.23 -4.93
N ASN C 696 -15.69 -29.54 -3.64
CA ASN C 696 -16.75 -29.57 -2.66
C ASN C 696 -16.46 -28.60 -1.51
N SER C 697 -15.96 -27.42 -1.85
CA SER C 697 -15.65 -26.43 -0.83
C SER C 697 -16.93 -25.86 -0.24
N PRO C 698 -16.88 -25.39 1.02
CA PRO C 698 -18.06 -24.74 1.61
C PRO C 698 -18.53 -23.51 0.83
N ARG C 699 -17.60 -22.77 0.22
CA ARG C 699 -17.99 -21.55 -0.49
C ARG C 699 -18.68 -21.87 -1.80
N ASN C 700 -18.18 -22.86 -2.54
CA ASN C 700 -18.77 -23.23 -3.82
C ASN C 700 -20.04 -24.05 -3.61
PB ANP D . -14.00 -7.40 -5.34
O1B ANP D . -12.76 -7.73 -4.59
O2B ANP D . -14.23 -5.87 -5.32
N3B ANP D . -13.87 -7.94 -6.92
PA ANP D . -16.18 -7.26 -3.73
O1A ANP D . -15.55 -7.02 -2.40
O2A ANP D . -16.53 -5.98 -4.50
O3A ANP D . -15.22 -8.11 -4.66
O5' ANP D . -17.44 -8.18 -3.50
C5' ANP D . -18.75 -7.77 -3.94
C4' ANP D . -19.22 -8.70 -5.02
O4' ANP D . -20.66 -8.69 -5.05
C3' ANP D . -18.79 -8.35 -6.43
O3' ANP D . -17.51 -8.92 -6.73
C2' ANP D . -19.90 -8.96 -7.28
O2' ANP D . -19.67 -10.34 -7.54
C1' ANP D . -21.13 -8.79 -6.38
N9 ANP D . -21.93 -7.60 -6.68
C8 ANP D . -21.47 -6.33 -6.94
N7 ANP D . -22.41 -5.46 -7.18
C5 ANP D . -23.58 -6.21 -7.06
C6 ANP D . -24.94 -5.86 -7.18
N6 ANP D . -25.37 -4.64 -7.47
N1 ANP D . -25.85 -6.84 -7.00
C2 ANP D . -25.43 -8.08 -6.70
N3 ANP D . -24.18 -8.51 -6.56
C4 ANP D . -23.29 -7.53 -6.75
#